data_6E49
#
_entry.id   6E49
#
_cell.length_a   169.346
_cell.length_b   41.795
_cell.length_c   146.968
_cell.angle_alpha   90.00
_cell.angle_beta   92.26
_cell.angle_gamma   90.00
#
_symmetry.space_group_name_H-M   'C 1 2 1'
#
loop_
_entity.id
_entity.type
_entity.pdbx_description
1 polymer 'Proliferating cell nuclear antigen'
2 polymer 'ATP-dependent DNA helicase PIF1'
3 water water
#
loop_
_entity_poly.entity_id
_entity_poly.type
_entity_poly.pdbx_seq_one_letter_code
_entity_poly.pdbx_strand_id
1 'polypeptide(L)'
;MGSSHHHHHHSQDPMLEAKFEEASLFKRIIDGFKDCVQLVNFQCKEDGIIAQAVDDSRVLLVSLEIGVEAFQEYRCDHPV
TLGMDLTSLSKILRCGNNTDTLTLIADNTPDSIILLFEDTKKDRIAEYSLKLMDIDADFLKIEELQYDSTLSLPSSEFSK
IVRDLSQLSDSINIMITKETIKFVADGDIGSGSVIIKPFVDMEHPETSIKLEMDQPVDLTFGAKYLLDIIKGSSLSDRVG
IRLSSEAPALFQFDLKSGFLQFFLAPKFNDEE
;
A,B,C
2 'polypeptide(L)' NGIAAMLQRHSRKRFQL D,E,F
#
# COMPACT_ATOMS: atom_id res chain seq x y z
N MET A 15 -16.43 39.35 -5.60
CA MET A 15 -15.36 38.38 -5.78
C MET A 15 -14.79 38.04 -4.42
N LEU A 16 -14.28 36.82 -4.41
CA LEU A 16 -13.44 36.22 -3.40
C LEU A 16 -12.13 35.77 -4.08
N GLU A 17 -10.98 36.21 -3.56
CA GLU A 17 -9.68 35.68 -3.96
C GLU A 17 -8.89 35.38 -2.70
N ALA A 18 -8.72 34.09 -2.40
CA ALA A 18 -8.00 33.64 -1.24
C ALA A 18 -6.91 32.70 -1.68
N LYS A 19 -5.66 33.08 -1.42
CA LYS A 19 -4.51 32.30 -1.83
C LYS A 19 -3.84 31.65 -0.63
N PHE A 20 -3.85 30.33 -0.56
CA PHE A 20 -3.08 29.61 0.45
C PHE A 20 -1.64 29.52 -0.03
N GLU A 21 -0.68 29.75 0.87
CA GLU A 21 0.74 29.68 0.50
C GLU A 21 1.13 28.29 -0.04
N GLU A 22 0.70 27.25 0.66
CA GLU A 22 0.80 25.85 0.22
C GLU A 22 -0.58 25.24 0.05
N ALA A 23 -0.81 24.69 -1.13
CA ALA A 23 -2.06 23.97 -1.46
C ALA A 23 -2.43 22.81 -0.55
N SER A 24 -1.38 22.14 -0.08
CA SER A 24 -1.50 21.08 0.86
C SER A 24 -2.35 21.45 2.06
N LEU A 25 -2.28 22.70 2.52
CA LEU A 25 -2.98 23.04 3.77
C LEU A 25 -4.47 22.88 3.61
N PHE A 26 -4.99 23.28 2.46
CA PHE A 26 -6.41 23.19 2.27
C PHE A 26 -6.85 21.75 2.22
N LYS A 27 -6.07 20.90 1.56
CA LYS A 27 -6.35 19.44 1.52
C LYS A 27 -6.38 18.83 2.92
N ARG A 28 -5.41 19.14 3.74
CA ARG A 28 -5.36 18.64 5.11
C ARG A 28 -6.52 19.12 5.95
N ILE A 29 -6.87 20.38 5.77
CA ILE A 29 -8.05 20.89 6.43
C ILE A 29 -9.23 20.05 6.07
N ILE A 30 -9.50 19.87 4.78
CA ILE A 30 -10.72 19.15 4.34
C ILE A 30 -10.66 17.69 4.80
N ASP A 31 -9.46 17.12 4.79
CA ASP A 31 -9.27 15.75 5.20
C ASP A 31 -9.67 15.50 6.68
N GLY A 32 -9.57 16.49 7.56
CA GLY A 32 -10.07 16.33 8.95
C GLY A 32 -11.60 16.21 9.09
N PHE A 33 -12.32 16.94 8.29
CA PHE A 33 -13.77 16.81 8.16
C PHE A 33 -14.28 15.67 7.26
N LYS A 34 -13.52 15.28 6.25
CA LYS A 34 -14.07 14.73 4.94
C LYS A 34 -14.97 13.55 5.17
N ASP A 35 -14.57 12.64 6.05
CA ASP A 35 -15.38 11.48 6.49
C ASP A 35 -16.21 12.03 7.62
N CYS A 36 -17.17 11.34 8.17
CA CYS A 36 -18.00 12.04 9.22
C CYS A 36 -18.92 13.26 8.79
N VAL A 37 -18.76 13.83 7.61
CA VAL A 37 -19.70 14.85 7.12
C VAL A 37 -19.42 15.23 5.66
N GLN A 38 -20.40 15.04 4.78
CA GLN A 38 -20.15 15.11 3.36
C GLN A 38 -20.54 16.46 2.72
N LEU A 39 -21.65 17.07 3.11
CA LEU A 39 -22.15 18.31 2.50
C LEU A 39 -22.01 19.44 3.47
N VAL A 40 -21.27 20.49 3.12
CA VAL A 40 -20.99 21.55 4.13
C VAL A 40 -20.92 22.93 3.46
N ASN A 41 -21.42 23.93 4.17
CA ASN A 41 -21.41 25.32 3.71
C ASN A 41 -20.20 26.07 4.24
N PHE A 42 -19.38 26.57 3.34
CA PHE A 42 -18.27 27.44 3.71
C PHE A 42 -18.68 28.89 3.53
N GLN A 43 -18.56 29.65 4.58
CA GLN A 43 -19.11 31.00 4.66
C GLN A 43 -17.90 31.92 4.68
N CYS A 44 -17.63 32.59 3.58
CA CYS A 44 -16.53 33.57 3.50
C CYS A 44 -17.01 34.97 3.77
N LYS A 45 -16.15 35.74 4.41
CA LYS A 45 -16.38 37.15 4.68
C LYS A 45 -15.07 37.87 4.91
N GLU A 46 -15.15 39.18 5.18
CA GLU A 46 -14.00 40.07 5.33
C GLU A 46 -12.86 39.47 6.16
N ASP A 47 -13.21 38.74 7.23
CA ASP A 47 -12.24 38.32 8.26
C ASP A 47 -11.75 36.84 8.19
N GLY A 48 -12.06 36.16 7.07
CA GLY A 48 -11.67 34.78 6.85
C GLY A 48 -12.86 33.91 6.46
N ILE A 49 -12.67 32.60 6.50
CA ILE A 49 -13.74 31.67 6.17
C ILE A 49 -14.08 30.83 7.40
N ILE A 50 -15.36 30.58 7.62
CA ILE A 50 -15.80 29.70 8.67
C ILE A 50 -16.69 28.66 8.05
N ALA A 51 -16.79 27.48 8.68
CA ALA A 51 -17.64 26.41 8.16
C ALA A 51 -18.19 25.55 9.28
N GLN A 52 -19.43 25.08 9.14
CA GLN A 52 -20.05 24.20 10.15
C GLN A 52 -20.89 23.12 9.53
N ALA A 53 -20.97 22.02 10.25
CA ALA A 53 -21.75 20.88 9.80
C ALA A 53 -21.99 19.95 10.96
N VAL A 54 -23.13 19.29 10.92
CA VAL A 54 -23.43 18.26 11.86
C VAL A 54 -23.58 16.98 11.08
N ASP A 55 -23.16 15.86 11.65
CA ASP A 55 -23.29 14.59 10.94
C ASP A 55 -24.73 14.11 10.95
N ASP A 56 -25.00 13.04 10.22
CA ASP A 56 -26.38 12.55 10.05
C ASP A 56 -27.02 12.07 11.37
N SER A 57 -26.25 11.50 12.29
CA SER A 57 -26.79 11.05 13.58
C SER A 57 -26.93 12.18 14.61
N ARG A 58 -26.53 13.38 14.25
CA ARG A 58 -26.70 14.54 15.09
C ARG A 58 -25.99 14.49 16.46
N VAL A 59 -24.85 13.79 16.56
CA VAL A 59 -24.07 13.74 17.79
C VAL A 59 -22.71 14.42 17.73
N LEU A 60 -22.34 14.95 16.56
CA LEU A 60 -21.02 15.49 16.29
C LEU A 60 -21.12 16.73 15.40
N LEU A 61 -20.59 17.85 15.88
CA LEU A 61 -20.67 19.09 15.14
C LEU A 61 -19.23 19.45 14.86
N VAL A 62 -18.96 19.81 13.61
CA VAL A 62 -17.64 20.13 13.18
C VAL A 62 -17.66 21.61 12.88
N SER A 63 -16.73 22.37 13.46
CA SER A 63 -16.69 23.82 13.25
C SER A 63 -15.29 24.22 12.80
N LEU A 64 -15.23 24.98 11.72
CA LEU A 64 -13.96 25.36 11.11
C LEU A 64 -13.84 26.87 11.08
N GLU A 65 -12.63 27.35 11.32
CA GLU A 65 -12.35 28.77 11.29
C GLU A 65 -10.96 28.93 10.73
N ILE A 66 -10.87 29.50 9.54
CA ILE A 66 -9.58 29.90 8.96
C ILE A 66 -9.56 31.41 8.96
N GLY A 67 -8.66 32.01 9.73
CA GLY A 67 -8.50 33.44 9.78
C GLY A 67 -7.76 33.94 8.56
N VAL A 68 -7.78 35.25 8.38
CA VAL A 68 -7.08 35.89 7.27
C VAL A 68 -5.60 35.57 7.32
N GLU A 69 -5.01 35.57 8.50
CA GLU A 69 -3.58 35.36 8.67
C GLU A 69 -3.05 33.97 8.14
N ALA A 70 -3.94 33.01 7.96
CA ALA A 70 -3.60 31.72 7.35
C ALA A 70 -3.37 31.71 5.86
N PHE A 71 -3.89 32.71 5.18
CA PHE A 71 -3.69 32.85 3.72
C PHE A 71 -2.50 33.76 3.52
N GLN A 72 -1.87 33.72 2.34
CA GLN A 72 -0.86 34.73 2.02
C GLN A 72 -1.49 35.92 1.34
N GLU A 73 -2.59 35.74 0.61
CA GLU A 73 -3.42 36.86 0.14
C GLU A 73 -4.88 36.51 0.35
N TYR A 74 -5.70 37.49 0.70
CA TYR A 74 -7.13 37.25 0.97
C TYR A 74 -7.97 38.46 0.64
N ARG A 75 -8.94 38.33 -0.22
CA ARG A 75 -9.90 39.36 -0.46
C ARG A 75 -11.34 38.82 -0.48
N CYS A 76 -12.23 39.47 0.25
CA CYS A 76 -13.65 39.13 0.23
C CYS A 76 -14.46 40.42 0.37
N ASP A 77 -14.86 40.97 -0.78
CA ASP A 77 -15.57 42.23 -0.86
C ASP A 77 -17.00 42.20 -0.26
N HIS A 78 -17.60 41.02 -0.18
CA HIS A 78 -18.97 40.84 0.24
C HIS A 78 -19.12 39.47 0.83
N PRO A 79 -19.80 39.30 1.99
CA PRO A 79 -20.11 37.93 2.41
C PRO A 79 -20.60 36.97 1.30
N VAL A 80 -20.03 35.77 1.29
CA VAL A 80 -20.37 34.75 0.31
C VAL A 80 -20.38 33.39 0.98
N THR A 81 -21.48 32.67 0.81
CA THR A 81 -21.58 31.29 1.23
C THR A 81 -21.36 30.39 0.02
N LEU A 82 -20.43 29.46 0.12
CA LEU A 82 -20.25 28.49 -0.93
C LEU A 82 -20.31 27.11 -0.31
N GLY A 83 -21.31 26.33 -0.75
CA GLY A 83 -21.57 24.99 -0.28
C GLY A 83 -21.01 23.98 -1.22
N MET A 84 -20.32 22.97 -0.71
CA MET A 84 -19.70 21.97 -1.56
C MET A 84 -19.84 20.59 -0.99
N ASP A 85 -19.92 19.62 -1.90
CA ASP A 85 -19.76 18.22 -1.56
C ASP A 85 -18.26 17.97 -1.33
N LEU A 86 -17.90 17.49 -0.15
CA LEU A 86 -16.49 17.34 0.18
C LEU A 86 -15.86 16.16 -0.56
N THR A 87 -16.68 15.19 -0.98
CA THR A 87 -16.18 14.07 -1.77
C THR A 87 -15.64 14.59 -3.07
N SER A 88 -16.46 15.41 -3.75
CA SER A 88 -16.09 16.12 -4.97
C SER A 88 -14.88 17.00 -4.78
N LEU A 89 -14.90 17.77 -3.71
CA LEU A 89 -13.82 18.74 -3.46
C LEU A 89 -12.48 18.07 -3.17
N SER A 90 -12.50 16.90 -2.54
CA SER A 90 -11.23 16.27 -2.23
C SER A 90 -10.72 15.48 -3.46
N LYS A 91 -11.61 15.12 -4.41
CA LYS A 91 -11.14 14.64 -5.75
C LYS A 91 -10.32 15.68 -6.52
N ILE A 92 -10.73 16.91 -6.42
CA ILE A 92 -9.97 18.00 -6.99
C ILE A 92 -8.75 18.36 -6.16
N LEU A 93 -8.71 18.02 -4.89
CA LEU A 93 -7.54 18.29 -4.07
C LEU A 93 -6.71 17.02 -3.91
N ARG A 94 -6.58 16.25 -4.97
CA ARG A 94 -5.36 15.50 -5.17
C ARG A 94 -4.71 16.00 -6.50
N CYS A 95 -4.95 17.28 -6.89
CA CYS A 95 -4.61 17.81 -8.25
C CYS A 95 -3.55 18.93 -8.35
N GLY A 96 -2.96 19.30 -7.23
CA GLY A 96 -1.78 20.15 -7.21
C GLY A 96 -0.75 19.52 -6.28
N ASN A 97 0.51 19.88 -6.50
CA ASN A 97 1.59 19.47 -5.62
C ASN A 97 1.44 20.19 -4.28
N ASN A 98 2.03 19.59 -3.25
CA ASN A 98 2.04 20.18 -1.90
C ASN A 98 2.89 21.48 -1.85
N THR A 99 3.59 21.79 -2.97
CA THR A 99 4.38 22.99 -3.23
C THR A 99 3.81 24.06 -4.21
N ASP A 100 2.63 23.82 -4.80
CA ASP A 100 1.94 24.86 -5.59
C ASP A 100 1.16 25.76 -4.65
N THR A 101 0.75 26.90 -5.17
CA THR A 101 -0.20 27.77 -4.44
C THR A 101 -1.63 27.41 -4.87
N LEU A 102 -2.54 27.41 -3.94
CA LEU A 102 -3.92 27.26 -4.26
C LEU A 102 -4.65 28.57 -4.04
N THR A 103 -5.47 28.95 -4.99
CA THR A 103 -6.31 30.13 -4.85
C THR A 103 -7.75 29.76 -5.08
N LEU A 104 -8.61 30.12 -4.13
CA LEU A 104 -10.07 30.03 -4.31
C LEU A 104 -10.63 31.32 -4.93
N ILE A 105 -11.43 31.21 -5.95
CA ILE A 105 -11.96 32.35 -6.66
C ILE A 105 -13.44 32.13 -6.84
N ALA A 106 -14.24 33.09 -6.42
CA ALA A 106 -15.68 32.97 -6.61
C ALA A 106 -16.19 34.33 -7.01
N ASP A 107 -17.26 34.37 -7.80
CA ASP A 107 -17.90 35.66 -8.18
C ASP A 107 -19.05 35.94 -7.23
N ASN A 108 -19.72 37.07 -7.41
CA ASN A 108 -20.95 37.32 -6.66
C ASN A 108 -22.06 36.34 -7.07
N THR A 109 -22.82 35.91 -6.05
CA THR A 109 -23.88 34.86 -6.13
C THR A 109 -23.50 33.67 -7.02
N PRO A 110 -22.50 32.86 -6.59
CA PRO A 110 -21.91 31.90 -7.53
C PRO A 110 -22.62 30.56 -7.70
N ASP A 111 -22.79 30.20 -8.97
CA ASP A 111 -22.92 28.85 -9.49
C ASP A 111 -21.72 27.96 -9.08
N SER A 112 -20.51 28.53 -9.02
CA SER A 112 -19.29 27.73 -8.88
C SER A 112 -18.10 28.40 -8.23
N ILE A 113 -17.28 27.56 -7.66
CA ILE A 113 -16.02 27.95 -7.04
C ILE A 113 -14.90 27.54 -8.01
N ILE A 114 -13.90 28.41 -8.16
CA ILE A 114 -12.69 28.09 -8.94
C ILE A 114 -11.55 27.81 -7.98
N LEU A 115 -10.82 26.71 -8.22
CA LEU A 115 -9.58 26.39 -7.51
C LEU A 115 -8.46 26.44 -8.51
N LEU A 116 -7.55 27.39 -8.30
CA LEU A 116 -6.47 27.65 -9.20
C LEU A 116 -5.16 27.23 -8.53
N PHE A 117 -4.51 26.20 -9.07
CA PHE A 117 -3.19 25.74 -8.60
C PHE A 117 -2.14 26.29 -9.52
N GLU A 118 -1.15 26.97 -8.97
CA GLU A 118 -0.16 27.61 -9.79
C GLU A 118 1.21 27.18 -9.22
N ASP A 119 2.16 26.91 -10.12
CA ASP A 119 3.53 26.56 -9.75
C ASP A 119 4.43 27.80 -9.71
N THR A 120 5.40 27.73 -8.80
CA THR A 120 6.36 28.81 -8.54
C THR A 120 7.03 29.34 -9.83
N LYS A 121 7.75 28.48 -10.55
CA LYS A 121 8.13 28.80 -11.95
C LYS A 121 6.85 28.97 -12.83
N LYS A 122 6.64 30.20 -13.32
CA LYS A 122 5.37 30.65 -14.02
C LYS A 122 4.92 29.79 -15.26
N ASP A 123 4.36 28.64 -14.95
CA ASP A 123 4.23 27.54 -15.88
C ASP A 123 3.34 26.57 -15.09
N ARG A 124 2.67 25.65 -15.74
CA ARG A 124 1.71 24.76 -15.06
C ARG A 124 0.69 25.51 -14.21
N ILE A 125 -0.37 25.99 -14.84
CA ILE A 125 -1.62 26.34 -14.18
C ILE A 125 -2.54 25.16 -14.30
N ALA A 126 -3.12 24.78 -13.18
CA ALA A 126 -4.25 23.85 -13.16
C ALA A 126 -5.44 24.61 -12.63
N GLU A 127 -6.48 24.75 -13.43
CA GLU A 127 -7.69 25.50 -13.02
C GLU A 127 -8.85 24.53 -12.95
N TYR A 128 -9.45 24.41 -11.78
CA TYR A 128 -10.60 23.55 -11.59
C TYR A 128 -11.81 24.42 -11.24
N SER A 129 -12.95 24.04 -11.81
CA SER A 129 -14.20 24.71 -11.52
C SER A 129 -15.11 23.67 -10.91
N LEU A 130 -15.47 23.84 -9.66
CA LEU A 130 -16.29 22.88 -8.99
C LEU A 130 -17.71 23.48 -8.87
N LYS A 131 -18.74 22.75 -9.32
CA LYS A 131 -20.11 23.21 -9.14
C LYS A 131 -20.47 23.21 -7.65
N LEU A 132 -21.18 24.24 -7.20
CA LEU A 132 -21.59 24.41 -5.81
C LEU A 132 -22.96 23.82 -5.60
N MET A 133 -23.37 23.77 -4.34
CA MET A 133 -24.59 23.08 -3.93
C MET A 133 -25.42 23.99 -3.06
N ASP A 134 -26.71 23.70 -2.99
CA ASP A 134 -27.61 24.47 -2.14
C ASP A 134 -27.83 23.67 -0.88
N ILE A 135 -27.54 24.30 0.27
CA ILE A 135 -27.55 23.63 1.57
C ILE A 135 -28.20 24.54 2.63
N ASP A 136 -28.79 23.94 3.69
CA ASP A 136 -29.38 24.71 4.81
C ASP A 136 -28.46 25.15 5.97
N ALA A 137 -28.24 26.48 5.99
CA ALA A 137 -27.15 27.16 6.71
C ALA A 137 -27.56 27.53 8.14
N ASP A 138 -27.52 26.51 8.98
CA ASP A 138 -27.79 26.65 10.40
C ASP A 138 -26.46 26.98 11.07
N PHE A 139 -25.84 28.15 10.80
CA PHE A 139 -24.57 28.47 11.47
C PHE A 139 -24.91 28.86 12.90
N LEU A 140 -24.18 28.28 13.86
CA LEU A 140 -24.41 28.45 15.30
C LEU A 140 -23.28 29.30 15.86
N LYS A 141 -23.66 30.43 16.48
CA LYS A 141 -22.73 31.17 17.32
C LYS A 141 -22.57 30.29 18.54
N ILE A 142 -21.42 29.64 18.68
CA ILE A 142 -21.15 28.80 19.84
C ILE A 142 -20.41 29.66 20.86
N GLU A 143 -21.07 29.97 21.97
CA GLU A 143 -20.47 30.73 23.05
C GLU A 143 -19.54 29.81 23.84
N GLU A 144 -18.28 30.23 24.04
CA GLU A 144 -17.30 29.37 24.71
C GLU A 144 -17.88 28.97 26.03
N LEU A 145 -18.03 27.67 26.24
CA LEU A 145 -18.40 27.18 27.54
C LEU A 145 -17.13 27.18 28.44
N GLN A 146 -17.36 27.12 29.76
CA GLN A 146 -16.29 26.73 30.68
C GLN A 146 -16.41 25.23 30.89
N TYR A 147 -15.27 24.58 31.03
CA TYR A 147 -15.23 23.12 31.09
C TYR A 147 -14.59 22.68 32.39
N ASP A 148 -14.95 21.52 32.86
CA ASP A 148 -14.38 20.97 34.09
C ASP A 148 -12.90 20.66 33.94
N SER A 149 -12.48 20.21 32.75
CA SER A 149 -11.06 19.92 32.48
C SER A 149 -10.64 20.32 31.10
N THR A 150 -9.36 20.64 31.01
CA THR A 150 -8.71 20.89 29.74
C THR A 150 -7.40 20.14 29.69
N LEU A 151 -7.12 19.50 28.58
CA LEU A 151 -5.80 18.90 28.38
C LEU A 151 -5.35 19.10 26.97
N SER A 152 -4.05 19.09 26.76
CA SER A 152 -3.54 19.05 25.42
C SER A 152 -2.44 18.02 25.38
N LEU A 153 -2.36 17.31 24.26
CA LEU A 153 -1.35 16.27 24.08
C LEU A 153 -1.04 16.13 22.60
N PRO A 154 0.01 15.39 22.27
CA PRO A 154 0.29 15.22 20.85
C PRO A 154 -0.82 14.50 20.12
N SER A 155 -1.16 14.99 18.93
CA SER A 155 -2.14 14.35 18.08
C SER A 155 -1.88 12.91 17.82
N SER A 156 -0.62 12.62 17.57
CA SER A 156 -0.21 11.29 17.19
C SER A 156 -0.41 10.34 18.39
N GLU A 157 -0.30 10.87 19.60
CA GLU A 157 -0.35 10.03 20.74
C GLU A 157 -1.78 9.69 21.05
N PHE A 158 -2.60 10.72 20.97
CA PHE A 158 -4.02 10.62 21.09
C PHE A 158 -4.58 9.71 20.01
N SER A 159 -4.06 9.85 18.81
CA SER A 159 -4.49 9.01 17.71
C SER A 159 -4.25 7.55 17.96
N LYS A 160 -3.07 7.25 18.50
CA LYS A 160 -2.64 5.88 18.75
C LYS A 160 -3.44 5.26 19.87
N ILE A 161 -3.65 6.01 20.95
CA ILE A 161 -4.55 5.58 22.02
C ILE A 161 -5.93 5.20 21.51
N VAL A 162 -6.56 6.07 20.73
CA VAL A 162 -7.90 5.82 20.23
C VAL A 162 -7.89 4.63 19.32
N ARG A 163 -6.98 4.61 18.34
CA ARG A 163 -6.89 3.49 17.41
C ARG A 163 -6.66 2.17 18.14
N ASP A 164 -5.82 2.16 19.17
CA ASP A 164 -5.57 0.93 19.91
C ASP A 164 -6.76 0.45 20.71
N LEU A 165 -7.35 1.33 21.49
CA LEU A 165 -8.50 0.92 22.30
C LEU A 165 -9.72 0.58 21.49
N SER A 166 -9.87 1.16 20.32
CA SER A 166 -11.02 0.88 19.46
C SER A 166 -11.15 -0.56 19.15
N GLN A 167 -10.01 -1.25 19.11
CA GLN A 167 -9.98 -2.66 18.84
C GLN A 167 -10.56 -3.53 19.94
N LEU A 168 -10.73 -3.00 21.14
CA LEU A 168 -11.35 -3.72 22.22
C LEU A 168 -12.81 -3.40 22.38
N SER A 169 -13.27 -2.19 22.09
CA SER A 169 -14.72 -1.90 22.17
C SER A 169 -15.16 -0.75 21.28
N ASP A 170 -16.47 -0.59 21.19
CA ASP A 170 -17.08 0.54 20.51
C ASP A 170 -17.21 1.80 21.39
N SER A 171 -16.80 1.71 22.64
CA SER A 171 -16.83 2.84 23.57
C SER A 171 -15.51 3.02 24.27
N ILE A 172 -15.11 4.26 24.43
CA ILE A 172 -13.88 4.59 25.09
C ILE A 172 -14.23 5.62 26.17
N ASN A 173 -13.69 5.40 27.34
CA ASN A 173 -14.06 6.14 28.49
C ASN A 173 -12.86 6.98 28.84
N ILE A 174 -13.06 8.29 29.00
CA ILE A 174 -11.99 9.20 29.39
C ILE A 174 -12.25 9.67 30.80
N MET A 175 -11.23 9.51 31.67
CA MET A 175 -11.40 9.68 33.10
C MET A 175 -10.27 10.57 33.54
N ILE A 176 -10.61 11.72 34.09
CA ILE A 176 -9.62 12.67 34.56
C ILE A 176 -9.66 12.88 36.07
N THR A 177 -8.49 12.76 36.68
CA THR A 177 -8.32 13.06 38.08
C THR A 177 -7.10 13.96 38.14
N LYS A 178 -6.70 14.32 39.35
CA LYS A 178 -5.65 15.30 39.53
C LYS A 178 -4.33 14.69 39.07
N GLU A 179 -3.65 15.35 38.15
CA GLU A 179 -2.35 14.86 37.60
C GLU A 179 -2.42 13.41 36.98
N THR A 180 -3.58 13.04 36.42
CA THR A 180 -3.78 11.72 35.78
C THR A 180 -4.90 11.77 34.74
N ILE A 181 -4.56 11.28 33.54
CA ILE A 181 -5.52 11.10 32.49
C ILE A 181 -5.57 9.60 32.18
N LYS A 182 -6.77 9.04 32.08
CA LYS A 182 -6.92 7.60 31.93
C LYS A 182 -7.93 7.33 30.81
N PHE A 183 -7.50 6.59 29.79
CA PHE A 183 -8.40 6.17 28.70
C PHE A 183 -8.68 4.69 28.86
N VAL A 184 -9.94 4.28 28.81
CA VAL A 184 -10.30 2.88 29.06
C VAL A 184 -11.33 2.37 28.06
N ALA A 185 -11.14 1.13 27.60
CA ALA A 185 -12.11 0.46 26.74
C ALA A 185 -12.27 -0.95 27.26
N ASP A 186 -13.50 -1.44 27.13
CA ASP A 186 -13.83 -2.70 27.74
C ASP A 186 -14.77 -3.47 26.83
N GLY A 187 -14.40 -4.70 26.50
CA GLY A 187 -15.17 -5.44 25.52
C GLY A 187 -15.06 -6.93 25.68
N ASP A 188 -15.45 -7.62 24.63
CA ASP A 188 -15.62 -9.05 24.68
C ASP A 188 -14.29 -9.77 24.79
N ILE A 189 -13.30 -9.42 23.99
CA ILE A 189 -12.00 -10.12 24.11
C ILE A 189 -11.23 -9.81 25.39
N GLY A 190 -11.49 -8.65 25.98
CA GLY A 190 -10.80 -8.20 27.16
C GLY A 190 -10.99 -6.69 27.32
N SER A 191 -10.11 -6.06 28.08
CA SER A 191 -10.18 -4.64 28.32
C SER A 191 -8.79 -4.03 28.29
N GLY A 192 -8.74 -2.72 28.22
CA GLY A 192 -7.45 -2.08 28.21
C GLY A 192 -7.54 -0.66 28.68
N SER A 193 -6.45 -0.17 29.22
CA SER A 193 -6.41 1.19 29.66
C SER A 193 -5.06 1.83 29.45
N VAL A 194 -5.07 3.07 29.01
CA VAL A 194 -3.85 3.81 28.86
C VAL A 194 -3.86 4.97 29.85
N ILE A 195 -2.88 4.99 30.75
CA ILE A 195 -2.79 6.02 31.77
C ILE A 195 -1.60 6.89 31.43
N ILE A 196 -1.81 8.20 31.20
CA ILE A 196 -0.71 9.11 30.88
C ILE A 196 -0.73 10.22 31.88
N LYS A 197 0.45 10.77 32.12
CA LYS A 197 0.64 11.72 33.17
C LYS A 197 1.17 13.00 32.52
N PRO A 198 0.79 14.17 33.08
CA PRO A 198 1.32 15.45 32.58
C PRO A 198 2.80 15.50 32.71
N PHE A 199 3.48 16.06 31.72
CA PHE A 199 4.92 16.29 31.82
C PHE A 199 5.36 17.28 30.76
N VAL A 200 6.36 18.08 31.08
CA VAL A 200 6.89 19.07 30.16
C VAL A 200 8.33 18.72 29.89
N ASP A 201 8.64 18.39 28.64
CA ASP A 201 10.02 18.14 28.21
C ASP A 201 10.52 19.38 27.47
N MET A 202 11.57 19.99 27.98
CA MET A 202 12.05 21.27 27.46
C MET A 202 12.71 21.16 26.08
N GLU A 203 13.44 20.07 25.83
CA GLU A 203 14.02 19.72 24.49
C GLU A 203 13.01 19.96 23.34
N HIS A 204 11.85 19.31 23.40
CA HIS A 204 10.76 19.62 22.49
C HIS A 204 9.45 19.67 23.24
N PRO A 205 8.94 20.91 23.49
CA PRO A 205 7.72 21.05 24.26
C PRO A 205 6.45 20.75 23.45
N GLU A 206 6.60 20.43 22.17
CA GLU A 206 5.47 19.87 21.42
C GLU A 206 5.09 18.47 21.95
N THR A 207 6.03 17.68 22.47
CA THR A 207 5.68 16.40 23.11
C THR A 207 5.01 16.48 24.51
N SER A 208 4.86 17.69 25.04
CA SER A 208 4.29 17.88 26.36
C SER A 208 2.85 17.45 26.47
N ILE A 209 2.50 17.02 27.66
CA ILE A 209 1.14 16.73 28.02
C ILE A 209 0.77 17.66 29.16
N LYS A 210 -0.26 18.48 28.96
CA LYS A 210 -0.66 19.50 29.91
C LYS A 210 -2.09 19.23 30.36
N LEU A 211 -2.43 19.67 31.58
CA LEU A 211 -3.72 19.35 32.21
C LEU A 211 -4.17 20.46 33.16
N GLU A 212 -5.40 20.90 33.05
CA GLU A 212 -5.95 21.88 33.96
C GLU A 212 -7.26 21.23 34.43
N MET A 213 -7.37 20.90 35.70
CA MET A 213 -8.57 20.23 36.21
C MET A 213 -9.23 21.05 37.30
N ASP A 214 -10.47 21.46 37.09
CA ASP A 214 -11.28 22.03 38.18
C ASP A 214 -12.02 20.91 38.87
N GLN A 215 -12.69 20.06 38.11
CA GLN A 215 -13.43 18.94 38.68
C GLN A 215 -12.96 17.67 37.96
N PRO A 216 -12.97 16.53 38.65
CA PRO A 216 -12.82 15.28 37.94
C PRO A 216 -13.95 15.07 36.93
N VAL A 217 -13.62 14.40 35.83
CA VAL A 217 -14.60 14.06 34.82
C VAL A 217 -14.46 12.63 34.42
N ASP A 218 -15.57 12.06 33.95
CA ASP A 218 -15.67 10.66 33.61
C ASP A 218 -16.75 10.56 32.54
N LEU A 219 -16.31 10.53 31.28
CA LEU A 219 -17.20 10.53 30.13
C LEU A 219 -16.90 9.35 29.24
N THR A 220 -17.90 8.90 28.49
CA THR A 220 -17.72 7.80 27.57
C THR A 220 -18.15 8.30 26.21
N PHE A 221 -17.42 7.87 25.18
CA PHE A 221 -17.65 8.31 23.83
C PHE A 221 -17.65 7.13 22.87
N GLY A 222 -18.37 7.26 21.75
CA GLY A 222 -18.31 6.25 20.70
C GLY A 222 -16.96 6.24 19.99
N ALA A 223 -16.38 5.08 19.84
CA ALA A 223 -15.13 4.97 19.15
C ALA A 223 -15.27 5.35 17.69
N LYS A 224 -16.39 5.05 17.06
CA LYS A 224 -16.71 5.49 15.68
C LYS A 224 -16.42 6.97 15.49
N TYR A 225 -16.81 7.78 16.46
CA TYR A 225 -16.68 9.21 16.34
C TYR A 225 -15.28 9.67 16.68
N LEU A 226 -14.68 9.10 17.72
CA LEU A 226 -13.30 9.41 18.00
C LEU A 226 -12.37 9.05 16.82
N LEU A 227 -12.69 7.99 16.06
CA LEU A 227 -11.85 7.56 14.92
C LEU A 227 -11.87 8.48 13.73
N ASP A 228 -12.93 9.29 13.66
CA ASP A 228 -13.02 10.38 12.69
C ASP A 228 -12.39 11.68 13.21
N ILE A 229 -12.52 11.92 14.51
CA ILE A 229 -11.97 13.12 15.08
C ILE A 229 -10.45 13.12 15.01
N ILE A 230 -9.84 11.97 15.24
CA ILE A 230 -8.42 11.92 15.23
C ILE A 230 -7.87 12.18 13.87
N LYS A 231 -8.68 12.25 12.83
CA LYS A 231 -8.15 12.72 11.53
C LYS A 231 -7.73 14.20 11.43
N GLY A 232 -8.07 14.98 12.45
CA GLY A 232 -7.52 16.33 12.58
C GLY A 232 -6.03 16.38 12.75
N SER A 233 -5.43 15.24 13.01
CA SER A 233 -4.00 15.13 13.15
C SER A 233 -3.19 15.58 11.95
N SER A 234 -3.84 15.59 10.79
CA SER A 234 -3.23 16.10 9.59
C SER A 234 -2.99 17.59 9.68
N LEU A 235 -3.67 18.31 10.58
CA LEU A 235 -3.50 19.77 10.74
C LEU A 235 -2.55 20.25 11.78
N SER A 236 -2.43 19.49 12.86
CA SER A 236 -1.75 19.99 14.05
C SER A 236 -1.00 18.87 14.75
N ASP A 237 0.14 19.26 15.35
CA ASP A 237 1.00 18.41 16.14
C ASP A 237 0.31 18.05 17.38
N ARG A 238 -0.51 18.98 17.86
CA ARG A 238 -1.23 18.84 19.12
C ARG A 238 -2.76 18.86 18.98
N VAL A 239 -3.43 18.27 19.97
CA VAL A 239 -4.89 18.31 20.07
C VAL A 239 -5.31 18.82 21.43
N GLY A 240 -6.28 19.70 21.48
CA GLY A 240 -6.83 20.16 22.73
C GLY A 240 -8.15 19.47 22.99
N ILE A 241 -8.29 18.95 24.20
CA ILE A 241 -9.52 18.26 24.60
C ILE A 241 -10.08 18.95 25.82
N ARG A 242 -11.32 19.42 25.71
CA ARG A 242 -12.00 20.08 26.80
C ARG A 242 -13.20 19.24 27.12
N LEU A 243 -13.29 18.78 28.37
CA LEU A 243 -14.37 17.93 28.82
C LEU A 243 -15.16 18.58 29.93
N SER A 244 -16.45 18.32 29.97
CA SER A 244 -17.18 18.51 31.22
C SER A 244 -18.31 17.49 31.28
N SER A 245 -18.80 17.27 32.49
CA SER A 245 -19.78 16.21 32.77
C SER A 245 -21.23 16.59 32.43
N GLU A 246 -21.44 17.84 32.11
CA GLU A 246 -22.76 18.32 31.73
C GLU A 246 -22.93 18.23 30.22
N ALA A 247 -21.82 18.17 29.48
CA ALA A 247 -21.74 18.84 28.19
C ALA A 247 -20.91 18.13 27.12
N PRO A 248 -21.19 18.48 25.85
CA PRO A 248 -20.40 17.85 24.83
C PRO A 248 -18.94 18.25 24.96
N ALA A 249 -18.10 17.31 24.55
CA ALA A 249 -16.69 17.48 24.60
C ALA A 249 -16.27 18.26 23.37
N LEU A 250 -15.19 19.02 23.52
CA LEU A 250 -14.54 19.77 22.43
C LEU A 250 -13.20 19.15 22.14
N PHE A 251 -12.99 18.70 20.90
CA PHE A 251 -11.65 18.31 20.45
C PHE A 251 -11.26 19.34 19.43
N GLN A 252 -10.11 19.97 19.64
CA GLN A 252 -9.70 21.10 18.83
C GLN A 252 -8.29 20.93 18.33
N PHE A 253 -8.11 21.20 17.03
CA PHE A 253 -6.81 21.15 16.36
C PHE A 253 -6.54 22.54 15.84
N ASP A 254 -5.42 23.14 16.24
CA ASP A 254 -5.16 24.52 15.89
C ASP A 254 -4.47 24.62 14.58
N LEU A 255 -4.84 25.64 13.79
CA LEU A 255 -4.18 26.01 12.55
C LEU A 255 -3.34 27.25 12.81
N LYS A 256 -2.48 27.58 11.84
CA LYS A 256 -1.93 28.94 11.73
C LYS A 256 -3.10 29.89 11.56
N SER A 257 -3.41 30.61 12.63
CA SER A 257 -4.55 31.52 12.68
C SER A 257 -5.90 30.87 12.35
N GLY A 258 -6.22 29.81 13.07
CA GLY A 258 -7.54 29.21 12.97
C GLY A 258 -7.68 27.92 13.76
N PHE A 259 -8.80 27.25 13.59
CA PHE A 259 -8.98 25.97 14.20
C PHE A 259 -10.01 25.10 13.53
N LEU A 260 -9.90 23.82 13.81
CA LEU A 260 -10.90 22.87 13.44
C LEU A 260 -11.35 22.27 14.73
N GLN A 261 -12.64 22.37 15.01
CA GLN A 261 -13.19 21.86 16.27
C GLN A 261 -14.21 20.79 16.05
N PHE A 262 -14.26 19.86 16.98
CA PHE A 262 -15.25 18.81 16.97
C PHE A 262 -15.95 18.83 18.30
N PHE A 263 -17.26 19.02 18.27
CA PHE A 263 -18.05 18.97 19.49
C PHE A 263 -18.74 17.61 19.46
N LEU A 264 -18.42 16.78 20.45
CA LEU A 264 -18.95 15.44 20.49
C LEU A 264 -19.78 15.21 21.76
N ALA A 265 -20.99 14.70 21.55
CA ALA A 265 -21.89 14.31 22.61
C ALA A 265 -21.42 13.03 23.30
N PRO A 266 -21.45 13.01 24.64
CA PRO A 266 -21.12 11.76 25.31
C PRO A 266 -22.26 10.78 25.27
N LYS A 267 -21.94 9.55 25.66
CA LYS A 267 -22.88 8.47 25.73
C LYS A 267 -23.52 8.51 27.14
N PHE A 268 -24.85 8.53 27.26
CA PHE A 268 -25.50 8.19 28.55
C PHE A 268 -25.46 6.65 28.67
N ASN A 269 -25.05 6.13 29.83
CA ASN A 269 -24.77 4.69 29.99
C ASN A 269 -25.57 4.04 31.15
N MET B 15 16.25 -22.27 -33.10
CA MET B 15 16.34 -21.73 -31.77
C MET B 15 16.35 -20.22 -31.81
N LEU B 16 15.91 -19.70 -30.66
CA LEU B 16 16.01 -18.34 -30.24
C LEU B 16 16.74 -18.33 -28.87
N GLU B 17 17.78 -17.54 -28.76
CA GLU B 17 18.42 -17.25 -27.48
C GLU B 17 18.62 -15.75 -27.39
N ALA B 18 17.85 -15.12 -26.49
CA ALA B 18 17.92 -13.70 -26.26
C ALA B 18 18.18 -13.48 -24.79
N LYS B 19 19.31 -12.89 -24.45
CA LYS B 19 19.66 -12.61 -23.06
C LYS B 19 19.57 -11.10 -22.78
N PHE B 20 18.68 -10.70 -21.90
CA PHE B 20 18.69 -9.32 -21.39
C PHE B 20 19.75 -9.22 -20.31
N GLU B 21 20.52 -8.12 -20.32
CA GLU B 21 21.48 -7.85 -19.24
C GLU B 21 20.81 -7.82 -17.85
N GLU B 22 19.68 -7.10 -17.74
CA GLU B 22 18.87 -7.04 -16.53
C GLU B 22 17.47 -7.55 -16.81
N ALA B 23 17.04 -8.56 -16.04
CA ALA B 23 15.69 -9.12 -16.08
C ALA B 23 14.55 -8.14 -15.89
N SER B 24 14.82 -7.15 -15.05
CA SER B 24 13.91 -6.09 -14.81
C SER B 24 13.40 -5.44 -16.11
N LEU B 25 14.23 -5.35 -17.14
CA LEU B 25 13.82 -4.64 -18.35
C LEU B 25 12.63 -5.29 -19.00
N PHE B 26 12.65 -6.60 -19.03
CA PHE B 26 11.57 -7.31 -19.67
C PHE B 26 10.30 -7.14 -18.92
N LYS B 27 10.36 -7.19 -17.60
CA LYS B 27 9.17 -6.98 -16.76
C LYS B 27 8.57 -5.60 -16.97
N ARG B 28 9.40 -4.55 -17.01
CA ARG B 28 8.92 -3.20 -17.24
C ARG B 28 8.31 -3.04 -18.61
N ILE B 29 8.93 -3.66 -19.60
CA ILE B 29 8.36 -3.65 -20.93
C ILE B 29 6.98 -4.21 -20.86
N ILE B 30 6.80 -5.42 -20.32
CA ILE B 30 5.50 -6.11 -20.36
C ILE B 30 4.47 -5.32 -19.53
N ASP B 31 4.96 -4.72 -18.44
CA ASP B 31 4.08 -3.96 -17.59
C ASP B 31 3.46 -2.73 -18.28
N GLY B 32 4.11 -2.14 -19.27
CA GLY B 32 3.47 -1.06 -20.04
C GLY B 32 2.32 -1.45 -20.94
N PHE B 33 2.38 -2.63 -21.52
CA PHE B 33 1.27 -3.23 -22.25
C PHE B 33 0.19 -3.92 -21.37
N LYS B 34 0.56 -4.44 -20.20
CA LYS B 34 -0.05 -5.70 -19.61
C LYS B 34 -1.56 -5.56 -19.45
N ASP B 35 -2.01 -4.40 -18.97
CA ASP B 35 -3.45 -4.06 -18.90
C ASP B 35 -3.77 -3.48 -20.26
N CYS B 36 -4.99 -3.18 -20.63
CA CYS B 36 -5.19 -2.79 -22.08
C CYS B 36 -4.97 -3.82 -23.23
N VAL B 37 -4.32 -4.95 -22.98
CA VAL B 37 -4.30 -6.03 -23.97
C VAL B 37 -3.67 -7.29 -23.38
N GLN B 38 -4.39 -8.39 -23.37
CA GLN B 38 -3.99 -9.58 -22.63
C GLN B 38 -3.29 -10.65 -23.49
N LEU B 39 -3.69 -10.88 -24.74
CA LEU B 39 -3.14 -11.93 -25.61
C LEU B 39 -2.38 -11.31 -26.72
N VAL B 40 -1.09 -11.61 -26.87
CA VAL B 40 -0.29 -10.89 -27.86
C VAL B 40 0.75 -11.79 -28.51
N ASN B 41 1.01 -11.56 -29.80
CA ASN B 41 2.02 -12.31 -30.54
C ASN B 41 3.34 -11.57 -30.57
N PHE B 42 4.38 -12.20 -30.04
CA PHE B 42 5.72 -11.66 -30.16
C PHE B 42 6.42 -12.33 -31.31
N GLN B 43 6.90 -11.52 -32.23
CA GLN B 43 7.45 -11.98 -33.48
C GLN B 43 8.94 -11.73 -33.43
N CYS B 44 9.72 -12.79 -33.26
CA CYS B 44 11.18 -12.69 -33.26
C CYS B 44 11.75 -12.96 -34.62
N LYS B 45 12.82 -12.25 -34.93
CA LYS B 45 13.55 -12.45 -36.17
C LYS B 45 14.99 -11.94 -36.01
N GLU B 46 15.77 -12.03 -37.08
CA GLU B 46 17.19 -11.69 -37.10
C GLU B 46 17.54 -10.42 -36.36
N ASP B 47 16.71 -9.39 -36.51
CA ASP B 47 17.01 -8.00 -36.12
C ASP B 47 16.34 -7.52 -34.80
N GLY B 48 15.78 -8.46 -34.02
CA GLY B 48 15.13 -8.16 -32.74
C GLY B 48 13.73 -8.73 -32.66
N ILE B 49 12.97 -8.32 -31.64
CA ILE B 49 11.59 -8.78 -31.49
C ILE B 49 10.62 -7.61 -31.64
N ILE B 50 9.53 -7.84 -32.32
CA ILE B 50 8.46 -6.84 -32.42
C ILE B 50 7.20 -7.48 -31.94
N ALA B 51 6.28 -6.68 -31.43
CA ALA B 51 4.98 -7.19 -30.98
C ALA B 51 3.87 -6.19 -31.21
N GLN B 52 2.70 -6.67 -31.59
CA GLN B 52 1.53 -5.83 -31.81
C GLN B 52 0.27 -6.44 -31.26
N ALA B 53 -0.64 -5.55 -30.89
CA ALA B 53 -1.92 -5.96 -30.38
C ALA B 53 -2.87 -4.82 -30.44
N VAL B 54 -4.13 -5.15 -30.70
CA VAL B 54 -5.20 -4.18 -30.65
C VAL B 54 -6.14 -4.57 -29.54
N ASP B 55 -6.71 -3.64 -28.83
CA ASP B 55 -7.64 -3.98 -27.74
C ASP B 55 -8.98 -4.44 -28.35
N ASP B 56 -9.89 -4.91 -27.48
CA ASP B 56 -11.17 -5.48 -27.91
C ASP B 56 -12.07 -4.48 -28.63
N SER B 57 -12.05 -3.22 -28.24
CA SER B 57 -12.89 -2.21 -28.91
C SER B 57 -12.28 -1.66 -30.19
N ARG B 58 -11.08 -2.09 -30.54
CA ARG B 58 -10.41 -1.64 -31.73
C ARG B 58 -10.19 -0.09 -31.85
N VAL B 59 -9.95 0.59 -30.75
CA VAL B 59 -9.49 1.98 -30.81
C VAL B 59 -8.05 2.28 -30.39
N LEU B 60 -7.31 1.25 -29.98
CA LEU B 60 -5.98 1.36 -29.41
C LEU B 60 -5.08 0.22 -29.92
N LEU B 61 -3.98 0.58 -30.55
CA LEU B 61 -3.07 -0.42 -31.05
C LEU B 61 -1.76 -0.18 -30.35
N VAL B 62 -1.17 -1.25 -29.86
CA VAL B 62 0.04 -1.17 -29.10
C VAL B 62 1.10 -1.81 -29.96
N SER B 63 2.21 -1.11 -30.19
CA SER B 63 3.29 -1.66 -31.02
C SER B 63 4.61 -1.62 -30.24
N LEU B 64 5.28 -2.75 -30.17
CA LEU B 64 6.53 -2.87 -29.43
C LEU B 64 7.67 -3.24 -30.41
N GLU B 65 8.82 -2.67 -30.14
CA GLU B 65 10.02 -2.97 -30.90
C GLU B 65 11.20 -2.98 -29.96
N ILE B 66 11.77 -4.15 -29.77
CA ILE B 66 13.05 -4.27 -29.06
C ILE B 66 14.11 -4.64 -30.12
N GLY B 67 15.08 -3.77 -30.33
CA GLY B 67 16.15 -4.05 -31.25
C GLY B 67 17.18 -4.99 -30.67
N VAL B 68 18.08 -5.44 -31.54
CA VAL B 68 19.16 -6.32 -31.10
C VAL B 68 20.01 -5.69 -30.02
N GLU B 69 20.29 -4.42 -30.20
CA GLU B 69 21.18 -3.67 -29.27
C GLU B 69 20.67 -3.61 -27.81
N ALA B 70 19.37 -3.85 -27.59
CA ALA B 70 18.78 -3.93 -26.24
C ALA B 70 19.09 -5.18 -25.47
N PHE B 71 19.49 -6.24 -26.13
CA PHE B 71 19.91 -7.47 -25.46
C PHE B 71 21.42 -7.42 -25.29
N GLN B 72 22.02 -8.22 -24.41
CA GLN B 72 23.46 -8.38 -24.40
C GLN B 72 23.91 -9.51 -25.30
N GLU B 73 23.10 -10.54 -25.48
CA GLU B 73 23.31 -11.51 -26.57
C GLU B 73 21.99 -11.85 -27.22
N TYR B 74 22.00 -12.05 -28.54
CA TYR B 74 20.78 -12.33 -29.27
C TYR B 74 21.01 -13.22 -30.47
N ARG B 75 20.31 -14.32 -30.55
CA ARG B 75 20.35 -15.15 -31.75
C ARG B 75 18.94 -15.59 -32.18
N CYS B 76 18.63 -15.43 -33.45
CA CYS B 76 17.37 -15.91 -34.01
C CYS B 76 17.63 -16.39 -35.44
N ASP B 77 17.81 -17.70 -35.58
CA ASP B 77 18.20 -18.30 -36.85
C ASP B 77 17.12 -18.27 -37.93
N HIS B 78 15.86 -18.12 -37.53
CA HIS B 78 14.69 -18.31 -38.37
C HIS B 78 13.59 -17.42 -37.77
N PRO B 79 12.81 -16.70 -38.58
CA PRO B 79 11.62 -16.06 -37.95
C PRO B 79 10.77 -16.99 -37.06
N VAL B 80 10.36 -16.48 -35.91
CA VAL B 80 9.59 -17.25 -34.93
C VAL B 80 8.56 -16.34 -34.29
N THR B 81 7.30 -16.77 -34.35
CA THR B 81 6.23 -16.10 -33.64
C THR B 81 5.96 -16.85 -32.35
N LEU B 82 5.98 -16.17 -31.21
CA LEU B 82 5.56 -16.79 -29.99
C LEU B 82 4.50 -15.94 -29.35
N GLY B 83 3.30 -16.53 -29.19
CA GLY B 83 2.16 -15.86 -28.62
C GLY B 83 2.01 -16.23 -27.16
N MET B 84 1.76 -15.24 -26.30
CA MET B 84 1.62 -15.47 -24.89
C MET B 84 0.52 -14.68 -24.28
N ASP B 85 -0.09 -15.25 -23.26
CA ASP B 85 -0.98 -14.55 -22.39
C ASP B 85 -0.11 -13.69 -21.44
N LEU B 86 -0.32 -12.39 -21.44
CA LEU B 86 0.50 -11.48 -20.65
C LEU B 86 0.18 -11.60 -19.15
N THR B 87 -1.02 -12.07 -18.82
CA THR B 87 -1.37 -12.31 -17.43
C THR B 87 -0.47 -13.38 -16.85
N SER B 88 -0.38 -14.50 -17.57
CA SER B 88 0.54 -15.60 -17.27
C SER B 88 1.97 -15.17 -17.22
N LEU B 89 2.37 -14.42 -18.22
CA LEU B 89 3.77 -14.00 -18.37
C LEU B 89 4.20 -13.05 -17.25
N SER B 90 3.30 -12.21 -16.77
CA SER B 90 3.69 -11.30 -15.73
C SER B 90 3.65 -11.98 -14.36
N LYS B 91 2.93 -13.10 -14.20
CA LYS B 91 3.08 -13.98 -13.00
C LYS B 91 4.52 -14.56 -12.87
N ILE B 92 5.07 -14.96 -14.00
CA ILE B 92 6.43 -15.41 -14.02
C ILE B 92 7.44 -14.26 -13.96
N LEU B 93 7.05 -13.03 -14.26
CA LEU B 93 7.94 -11.89 -14.13
C LEU B 93 7.63 -11.12 -12.88
N ARG B 94 7.37 -11.82 -11.79
CA ARG B 94 7.83 -11.34 -10.50
C ARG B 94 8.83 -12.36 -9.90
N CYS B 95 9.57 -13.08 -10.76
CA CYS B 95 10.37 -14.30 -10.36
C CYS B 95 11.89 -14.26 -10.54
N GLY B 96 12.43 -13.10 -10.88
CA GLY B 96 13.87 -12.87 -10.80
C GLY B 96 14.13 -11.54 -10.10
N ASN B 97 15.32 -11.39 -9.51
CA ASN B 97 15.77 -10.10 -9.03
C ASN B 97 16.03 -9.16 -10.19
N ASN B 98 15.97 -7.87 -9.89
CA ASN B 98 16.25 -6.83 -10.90
C ASN B 98 17.73 -6.84 -11.37
N THR B 99 18.56 -7.67 -10.69
CA THR B 99 19.97 -7.95 -10.99
C THR B 99 20.33 -9.34 -11.61
N ASP B 100 19.35 -10.21 -11.85
CA ASP B 100 19.59 -11.45 -12.61
C ASP B 100 19.58 -11.17 -14.09
N THR B 101 20.13 -12.09 -14.86
CA THR B 101 19.99 -12.06 -16.31
C THR B 101 18.78 -12.90 -16.71
N LEU B 102 18.01 -12.41 -17.67
CA LEU B 102 16.93 -13.19 -18.21
C LEU B 102 17.24 -13.61 -19.62
N THR B 103 17.00 -14.87 -19.92
CA THR B 103 17.22 -15.39 -21.25
C THR B 103 15.96 -16.05 -21.72
N LEU B 104 15.49 -15.65 -22.92
CA LEU B 104 14.41 -16.34 -23.62
C LEU B 104 14.95 -17.42 -24.51
N ILE B 105 14.40 -18.62 -24.44
CA ILE B 105 14.85 -19.75 -25.22
C ILE B 105 13.66 -20.37 -25.86
N ALA B 106 13.66 -20.57 -27.16
CA ALA B 106 12.55 -21.25 -27.82
C ALA B 106 13.12 -22.14 -28.89
N ASP B 107 12.46 -23.27 -29.19
CA ASP B 107 12.89 -24.11 -30.31
C ASP B 107 12.14 -23.76 -31.57
N ASN B 108 12.46 -24.45 -32.65
CA ASN B 108 11.69 -24.36 -33.92
C ASN B 108 10.23 -24.83 -33.68
N THR B 109 9.28 -24.09 -34.28
CA THR B 109 7.82 -24.29 -34.15
C THR B 109 7.35 -24.67 -32.73
N PRO B 110 7.48 -23.73 -31.76
CA PRO B 110 7.38 -24.14 -30.35
C PRO B 110 5.98 -24.24 -29.74
N ASP B 111 5.80 -25.36 -29.04
CA ASP B 111 4.86 -25.51 -27.93
C ASP B 111 5.09 -24.46 -26.82
N SER B 112 6.33 -24.07 -26.55
CA SER B 112 6.66 -23.26 -25.37
C SER B 112 7.87 -22.38 -25.44
N ILE B 113 7.83 -21.33 -24.63
CA ILE B 113 8.94 -20.41 -24.43
C ILE B 113 9.56 -20.73 -23.08
N ILE B 114 10.89 -20.71 -23.00
CA ILE B 114 11.61 -20.87 -21.72
C ILE B 114 12.14 -19.51 -21.29
N LEU B 115 11.95 -19.15 -20.03
CA LEU B 115 12.58 -17.99 -19.42
C LEU B 115 13.53 -18.44 -18.34
N LEU B 116 14.80 -18.18 -18.54
CA LEU B 116 15.84 -18.64 -17.66
C LEU B 116 16.47 -17.43 -16.96
N PHE B 117 16.28 -17.34 -15.65
CA PHE B 117 16.85 -16.27 -14.81
C PHE B 117 18.06 -16.83 -14.11
N GLU B 118 19.20 -16.19 -14.26
CA GLU B 118 20.44 -16.68 -13.72
C GLU B 118 21.08 -15.54 -12.91
N ASP B 119 21.66 -15.89 -11.77
CA ASP B 119 22.36 -14.94 -10.91
C ASP B 119 23.86 -14.87 -11.24
N THR B 120 24.41 -13.66 -11.03
CA THR B 120 25.81 -13.35 -11.32
C THR B 120 26.78 -14.37 -10.66
N LYS B 121 26.76 -14.49 -9.33
CA LYS B 121 27.39 -15.64 -8.65
C LYS B 121 26.70 -16.96 -9.12
N LYS B 122 27.48 -17.81 -9.81
CA LYS B 122 27.06 -19.07 -10.49
C LYS B 122 26.20 -20.08 -9.65
N ASP B 123 24.95 -19.72 -9.43
CA ASP B 123 24.17 -20.27 -8.33
C ASP B 123 22.79 -19.69 -8.57
N ARG B 124 21.75 -20.29 -8.04
CA ARG B 124 20.35 -19.81 -8.31
C ARG B 124 20.05 -19.67 -9.80
N ILE B 125 19.70 -20.77 -10.44
CA ILE B 125 18.98 -20.75 -11.71
C ILE B 125 17.51 -20.91 -11.40
N ALA B 126 16.69 -20.04 -11.96
CA ALA B 126 15.25 -20.26 -12.02
C ALA B 126 14.89 -20.42 -13.48
N GLU B 127 14.36 -21.59 -13.86
CA GLU B 127 13.91 -21.85 -15.22
C GLU B 127 12.38 -21.95 -15.23
N TYR B 128 11.73 -21.12 -16.05
CA TYR B 128 10.29 -21.18 -16.24
C TYR B 128 10.00 -21.58 -17.67
N SER B 129 8.99 -22.43 -17.85
CA SER B 129 8.53 -22.84 -19.16
C SER B 129 7.09 -22.37 -19.25
N LEU B 130 6.81 -21.45 -20.14
CA LEU B 130 5.47 -20.95 -20.28
C LEU B 130 4.86 -21.55 -21.56
N LYS B 131 3.68 -22.16 -21.44
CA LYS B 131 2.98 -22.67 -22.63
C LYS B 131 2.53 -21.52 -23.48
N LEU B 132 2.67 -21.65 -24.80
CA LEU B 132 2.33 -20.64 -25.78
C LEU B 132 0.90 -20.79 -26.22
N MET B 133 0.46 -19.80 -26.99
CA MET B 133 -0.90 -19.71 -27.45
C MET B 133 -0.95 -19.55 -28.94
N ASP B 134 -2.08 -19.94 -29.52
CA ASP B 134 -2.32 -19.65 -30.91
C ASP B 134 -3.16 -18.40 -31.04
N ILE B 135 -2.64 -17.44 -31.82
CA ILE B 135 -3.26 -16.12 -31.97
C ILE B 135 -3.24 -15.67 -33.43
N ASP B 136 -4.22 -14.84 -33.84
CA ASP B 136 -4.31 -14.29 -35.22
C ASP B 136 -3.54 -12.97 -35.51
N ALA B 137 -2.45 -13.13 -36.25
CA ALA B 137 -1.37 -12.16 -36.43
C ALA B 137 -1.66 -11.24 -37.63
N ASP B 138 -2.47 -10.23 -37.34
CA ASP B 138 -2.62 -9.06 -38.20
C ASP B 138 -1.46 -8.09 -37.87
N PHE B 139 -0.19 -8.43 -38.16
CA PHE B 139 0.89 -7.44 -37.97
C PHE B 139 0.76 -6.37 -39.06
N LEU B 140 0.82 -5.10 -38.66
CA LEU B 140 0.63 -3.94 -39.51
C LEU B 140 1.96 -3.26 -39.72
N LYS B 141 2.37 -3.10 -40.98
CA LYS B 141 3.47 -2.20 -41.34
C LYS B 141 2.82 -0.81 -41.14
N ILE B 142 3.22 -0.12 -40.10
CA ILE B 142 2.71 1.22 -39.85
C ILE B 142 3.66 2.25 -40.50
N GLU B 143 3.16 2.93 -41.53
CA GLU B 143 3.93 3.95 -42.23
C GLU B 143 3.97 5.23 -41.39
N GLU B 144 5.16 5.76 -41.14
CA GLU B 144 5.33 6.97 -40.31
C GLU B 144 4.43 8.02 -40.89
N LEU B 145 3.46 8.49 -40.13
CA LEU B 145 2.71 9.65 -40.54
C LEU B 145 3.56 10.93 -40.24
N GLN B 146 3.20 12.03 -40.90
CA GLN B 146 3.60 13.35 -40.43
C GLN B 146 2.47 13.85 -39.52
N TYR B 147 2.84 14.56 -38.48
CA TYR B 147 1.89 14.98 -37.47
C TYR B 147 1.87 16.48 -37.36
N ASP B 148 0.73 17.03 -37.02
CA ASP B 148 0.60 18.47 -36.85
C ASP B 148 1.43 18.96 -35.68
N SER B 149 1.51 18.18 -34.60
CA SER B 149 2.33 18.55 -33.42
C SER B 149 3.02 17.41 -32.80
N THR B 150 4.14 17.74 -32.19
CA THR B 150 4.95 16.78 -31.42
C THR B 150 5.31 17.44 -30.11
N LEU B 151 5.19 16.67 -29.04
CA LEU B 151 5.67 17.13 -27.76
C LEU B 151 6.30 16.00 -26.99
N SER B 152 7.19 16.32 -26.07
CA SER B 152 7.60 15.36 -25.10
C SER B 152 7.57 15.96 -23.75
N LEU B 153 7.20 15.18 -22.75
CA LEU B 153 7.11 15.61 -21.37
C LEU B 153 7.38 14.47 -20.41
N PRO B 154 7.58 14.76 -19.13
CA PRO B 154 7.80 13.66 -18.23
C PRO B 154 6.61 12.72 -18.16
N SER B 155 6.85 11.42 -18.15
CA SER B 155 5.84 10.43 -17.92
C SER B 155 5.04 10.67 -16.68
N SER B 156 5.72 11.08 -15.62
CA SER B 156 5.07 11.26 -14.35
C SER B 156 4.10 12.44 -14.42
N GLU B 157 4.41 13.40 -15.24
CA GLU B 157 3.66 14.61 -15.26
C GLU B 157 2.41 14.37 -16.06
N PHE B 158 2.60 13.69 -17.19
CA PHE B 158 1.58 13.25 -18.04
C PHE B 158 0.65 12.30 -17.29
N SER B 159 1.22 11.42 -16.52
CA SER B 159 0.45 10.51 -15.70
C SER B 159 -0.45 11.18 -14.74
N LYS B 160 0.05 12.20 -14.08
CA LYS B 160 -0.68 12.95 -13.05
C LYS B 160 -1.81 13.73 -13.66
N ILE B 161 -1.53 14.41 -14.76
CA ILE B 161 -2.55 15.09 -15.54
C ILE B 161 -3.73 14.17 -15.89
N VAL B 162 -3.42 13.02 -16.48
CA VAL B 162 -4.45 12.12 -16.91
C VAL B 162 -5.20 11.61 -15.71
N ARG B 163 -4.49 11.11 -14.69
CA ARG B 163 -5.13 10.59 -13.48
C ARG B 163 -6.00 11.63 -12.83
N ASP B 164 -5.58 12.88 -12.78
CA ASP B 164 -6.41 13.94 -12.16
C ASP B 164 -7.65 14.25 -12.94
N LEU B 165 -7.52 14.50 -14.22
CA LEU B 165 -8.67 14.86 -15.01
C LEU B 165 -9.65 13.74 -15.19
N SER B 166 -9.18 12.50 -15.16
CA SER B 166 -10.06 11.34 -15.31
C SER B 166 -11.14 11.32 -14.30
N GLN B 167 -10.88 11.88 -13.13
CA GLN B 167 -11.83 11.93 -12.08
C GLN B 167 -13.02 12.83 -12.33
N LEU B 168 -12.88 13.76 -13.27
CA LEU B 168 -13.95 14.66 -13.61
C LEU B 168 -14.72 14.17 -14.83
N SER B 169 -14.10 13.49 -15.79
CA SER B 169 -14.81 13.00 -16.95
C SER B 169 -14.22 11.80 -17.62
N ASP B 170 -15.00 11.21 -18.54
CA ASP B 170 -14.58 10.12 -19.41
C ASP B 170 -13.81 10.56 -20.63
N SER B 171 -13.68 11.86 -20.84
CA SER B 171 -12.97 12.42 -21.99
C SER B 171 -11.97 13.46 -21.53
N ILE B 172 -10.85 13.46 -22.20
CA ILE B 172 -9.83 14.46 -21.97
C ILE B 172 -9.51 15.04 -23.33
N ASN B 173 -9.45 16.35 -23.37
CA ASN B 173 -9.26 17.05 -24.59
C ASN B 173 -7.88 17.62 -24.56
N ILE B 174 -7.09 17.38 -25.61
CA ILE B 174 -5.75 17.91 -25.74
C ILE B 174 -5.73 18.95 -26.80
N MET B 175 -5.26 20.15 -26.46
CA MET B 175 -5.36 21.33 -27.29
C MET B 175 -4.01 21.92 -27.36
N ILE B 176 -3.44 21.98 -28.56
CA ILE B 176 -2.14 22.57 -28.77
C ILE B 176 -2.16 23.86 -29.59
N THR B 177 -1.54 24.89 -29.05
CA THR B 177 -1.35 26.14 -29.73
C THR B 177 0.12 26.46 -29.56
N LYS B 178 0.52 27.61 -30.07
CA LYS B 178 1.92 27.95 -30.11
C LYS B 178 2.41 28.20 -28.69
N GLU B 179 3.45 27.52 -28.27
CA GLU B 179 3.96 27.67 -26.89
C GLU B 179 2.94 27.38 -25.73
N THR B 180 1.96 26.50 -25.99
CA THR B 180 0.91 26.12 -25.02
C THR B 180 0.33 24.75 -25.31
N ILE B 181 0.33 23.91 -24.30
CA ILE B 181 -0.33 22.61 -24.31
C ILE B 181 -1.39 22.66 -23.23
N LYS B 182 -2.63 22.31 -23.56
CA LYS B 182 -3.77 22.50 -22.64
C LYS B 182 -4.55 21.19 -22.60
N PHE B 183 -4.70 20.61 -21.41
CA PHE B 183 -5.47 19.39 -21.20
C PHE B 183 -6.75 19.79 -20.48
N VAL B 184 -7.90 19.38 -20.98
CA VAL B 184 -9.19 19.80 -20.43
C VAL B 184 -10.17 18.62 -20.29
N ALA B 185 -10.89 18.60 -19.19
CA ALA B 185 -11.89 17.60 -18.91
C ALA B 185 -13.08 18.27 -18.31
N ASP B 186 -14.26 17.82 -18.68
CA ASP B 186 -15.45 18.49 -18.28
C ASP B 186 -16.52 17.47 -17.93
N GLY B 187 -17.08 17.56 -16.73
CA GLY B 187 -18.05 16.59 -16.30
C GLY B 187 -19.05 17.12 -15.33
N ASP B 188 -19.69 16.18 -14.64
CA ASP B 188 -20.86 16.52 -13.85
C ASP B 188 -20.49 17.30 -12.62
N ILE B 189 -19.50 16.90 -11.85
CA ILE B 189 -19.17 17.71 -10.67
C ILE B 189 -18.53 19.06 -10.97
N GLY B 190 -17.89 19.16 -12.12
CA GLY B 190 -17.15 20.35 -12.50
C GLY B 190 -16.24 20.05 -13.68
N SER B 191 -15.31 20.93 -13.93
CA SER B 191 -14.36 20.82 -15.01
C SER B 191 -12.96 21.21 -14.54
N GLY B 192 -12.00 20.83 -15.35
CA GLY B 192 -10.63 21.09 -14.96
C GLY B 192 -9.77 21.28 -16.19
N SER B 193 -8.75 22.11 -16.05
CA SER B 193 -7.83 22.26 -17.14
C SER B 193 -6.43 22.52 -16.70
N VAL B 194 -5.49 21.83 -17.32
CA VAL B 194 -4.10 21.95 -16.98
C VAL B 194 -3.36 22.50 -18.16
N ILE B 195 -2.74 23.64 -17.98
CA ILE B 195 -2.03 24.32 -19.06
C ILE B 195 -0.56 24.26 -18.74
N ILE B 196 0.25 23.66 -19.59
CA ILE B 196 1.72 23.59 -19.36
C ILE B 196 2.38 24.17 -20.54
N LYS B 197 3.56 24.75 -20.32
CA LYS B 197 4.24 25.52 -21.35
C LYS B 197 5.60 24.90 -21.53
N PRO B 198 6.17 24.95 -22.75
CA PRO B 198 7.52 24.42 -23.01
C PRO B 198 8.53 25.08 -22.18
N PHE B 199 9.48 24.33 -21.67
CA PHE B 199 10.60 24.91 -20.92
C PHE B 199 11.70 23.90 -20.80
N VAL B 200 12.94 24.39 -20.84
CA VAL B 200 14.11 23.53 -20.70
C VAL B 200 14.84 24.03 -19.48
N ASP B 201 14.90 23.18 -18.46
CA ASP B 201 15.62 23.46 -17.22
C ASP B 201 16.89 22.62 -17.27
N MET B 202 18.03 23.28 -17.26
CA MET B 202 19.26 22.51 -17.55
C MET B 202 19.75 21.76 -16.29
N GLU B 203 19.43 22.25 -15.07
CA GLU B 203 19.63 21.49 -13.80
C GLU B 203 19.18 20.01 -13.93
N HIS B 204 17.92 19.77 -14.30
CA HIS B 204 17.45 18.44 -14.64
C HIS B 204 16.64 18.47 -15.91
N PRO B 205 17.23 18.07 -17.06
CA PRO B 205 16.53 18.17 -18.32
C PRO B 205 15.54 17.05 -18.54
N GLU B 206 15.46 16.10 -17.61
CA GLU B 206 14.41 15.10 -17.64
C GLU B 206 13.07 15.77 -17.31
N THR B 207 13.02 16.84 -16.51
CA THR B 207 11.78 17.60 -16.36
C THR B 207 11.29 18.46 -17.58
N SER B 208 12.07 18.53 -18.65
CA SER B 208 11.77 19.45 -19.75
C SER B 208 10.53 19.10 -20.50
N ILE B 209 9.87 20.12 -21.00
CA ILE B 209 8.71 19.99 -21.83
C ILE B 209 9.02 20.63 -23.17
N LYS B 210 8.95 19.85 -24.24
CA LYS B 210 9.30 20.29 -25.56
C LYS B 210 8.11 20.26 -26.49
N LEU B 211 8.07 21.11 -27.51
CA LEU B 211 6.89 21.29 -28.37
C LEU B 211 7.25 21.74 -29.78
N GLU B 212 6.76 21.10 -30.79
CA GLU B 212 7.09 21.42 -32.17
C GLU B 212 5.70 21.43 -32.84
N MET B 213 5.24 22.60 -33.26
CA MET B 213 3.89 22.74 -33.77
C MET B 213 3.90 23.26 -35.19
N ASP B 214 3.36 22.50 -36.14
CA ASP B 214 3.07 23.03 -37.48
C ASP B 214 1.69 23.64 -37.50
N GLN B 215 0.70 22.89 -37.05
CA GLN B 215 -0.66 23.38 -36.97
C GLN B 215 -1.18 23.20 -35.54
N PRO B 216 -2.07 24.09 -35.11
CA PRO B 216 -2.82 23.81 -33.91
C PRO B 216 -3.64 22.54 -34.05
N VAL B 217 -3.80 21.85 -32.93
CA VAL B 217 -4.60 20.64 -32.86
C VAL B 217 -5.50 20.68 -31.66
N ASP B 218 -6.60 19.97 -31.76
CA ASP B 218 -7.65 19.96 -30.76
C ASP B 218 -8.33 18.59 -30.91
N LEU B 219 -7.92 17.64 -30.07
CA LEU B 219 -8.38 16.26 -30.11
C LEU B 219 -8.94 15.87 -28.77
N THR B 220 -9.85 14.91 -28.77
CA THR B 220 -10.43 14.42 -27.54
C THR B 220 -10.21 12.93 -27.51
N PHE B 221 -9.92 12.40 -26.33
CA PHE B 221 -9.62 11.00 -26.16
C PHE B 221 -10.40 10.41 -24.99
N GLY B 222 -10.66 9.11 -25.01
CA GLY B 222 -11.23 8.46 -23.85
C GLY B 222 -10.25 8.36 -22.68
N ALA B 223 -10.70 8.70 -21.52
CA ALA B 223 -9.86 8.64 -20.36
C ALA B 223 -9.48 7.21 -20.01
N LYS B 224 -10.34 6.26 -20.24
CA LYS B 224 -10.10 4.81 -20.12
C LYS B 224 -8.85 4.41 -20.82
N TYR B 225 -8.63 4.94 -22.01
CA TYR B 225 -7.47 4.54 -22.82
C TYR B 225 -6.23 5.28 -22.37
N LEU B 226 -6.36 6.58 -22.08
CA LEU B 226 -5.23 7.29 -21.56
C LEU B 226 -4.74 6.68 -20.23
N LEU B 227 -5.65 6.13 -19.39
CA LEU B 227 -5.27 5.55 -18.09
C LEU B 227 -4.48 4.28 -18.17
N ASP B 228 -4.59 3.60 -19.34
CA ASP B 228 -3.75 2.45 -19.65
C ASP B 228 -2.44 2.85 -20.35
N ILE B 229 -2.51 3.91 -21.16
CA ILE B 229 -1.33 4.35 -21.87
C ILE B 229 -0.26 4.86 -20.91
N ILE B 230 -0.69 5.57 -19.90
CA ILE B 230 0.23 6.12 -18.98
C ILE B 230 0.98 5.06 -18.23
N LYS B 231 0.58 3.81 -18.31
CA LYS B 231 1.39 2.75 -17.71
C LYS B 231 2.73 2.45 -18.40
N GLY B 232 2.96 3.04 -19.57
CA GLY B 232 4.27 3.01 -20.18
C GLY B 232 5.37 3.68 -19.36
N SER B 233 4.96 4.43 -18.35
CA SER B 233 5.85 5.08 -17.45
C SER B 233 6.83 4.14 -16.75
N SER B 234 6.52 2.85 -16.69
CA SER B 234 7.42 1.85 -16.21
C SER B 234 8.66 1.70 -17.07
N LEU B 235 8.65 2.14 -18.33
CA LEU B 235 9.79 2.08 -19.23
C LEU B 235 10.63 3.30 -19.36
N SER B 236 9.99 4.45 -19.28
CA SER B 236 10.64 5.69 -19.62
C SER B 236 10.23 6.84 -18.72
N ASP B 237 11.18 7.71 -18.46
CA ASP B 237 11.05 8.93 -17.66
C ASP B 237 10.22 9.88 -18.43
N ARG B 238 10.34 9.80 -19.76
CA ARG B 238 9.66 10.67 -20.67
C ARG B 238 8.66 9.96 -21.62
N VAL B 239 7.70 10.71 -22.13
CA VAL B 239 6.73 10.22 -23.12
C VAL B 239 6.70 11.15 -24.31
N GLY B 240 6.68 10.60 -25.51
CA GLY B 240 6.54 11.41 -26.71
C GLY B 240 5.10 11.30 -27.20
N ILE B 241 4.48 12.44 -27.47
CA ILE B 241 3.12 12.51 -27.94
C ILE B 241 3.10 13.20 -29.29
N ARG B 242 2.58 12.53 -30.30
CA ARG B 242 2.43 13.09 -31.64
C ARG B 242 0.95 13.12 -31.94
N LEU B 243 0.42 14.29 -32.22
CA LEU B 243 -0.99 14.50 -32.53
C LEU B 243 -1.19 15.03 -33.92
N SER B 244 -2.25 14.65 -34.57
CA SER B 244 -2.76 15.42 -35.69
C SER B 244 -4.27 15.27 -35.77
N SER B 245 -4.91 16.20 -36.47
CA SER B 245 -6.35 16.27 -36.57
C SER B 245 -7.01 15.28 -37.52
N GLU B 246 -6.21 14.63 -38.34
CA GLU B 246 -6.69 13.69 -39.31
C GLU B 246 -6.67 12.29 -38.71
N ALA B 247 -5.89 12.10 -37.64
CA ALA B 247 -5.17 10.83 -37.46
C ALA B 247 -5.02 10.38 -36.02
N PRO B 248 -4.80 9.05 -35.87
CA PRO B 248 -4.67 8.60 -34.51
C PRO B 248 -3.40 9.20 -33.91
N ALA B 249 -3.48 9.38 -32.61
CA ALA B 249 -2.40 9.95 -31.85
C ALA B 249 -1.43 8.84 -31.54
N LEU B 250 -0.16 9.20 -31.42
CA LEU B 250 0.94 8.32 -31.01
C LEU B 250 1.44 8.73 -29.67
N PHE B 251 1.40 7.81 -28.71
CA PHE B 251 2.10 8.01 -27.41
C PHE B 251 3.22 7.01 -27.42
N GLN B 252 4.45 7.47 -27.27
CA GLN B 252 5.62 6.60 -27.38
C GLN B 252 6.55 6.71 -26.18
N PHE B 253 7.01 5.56 -25.70
CA PHE B 253 7.95 5.46 -24.55
C PHE B 253 9.20 4.77 -25.03
N ASP B 254 10.37 5.41 -24.91
CA ASP B 254 11.55 4.84 -25.63
C ASP B 254 12.30 3.88 -24.76
N LEU B 255 12.85 2.82 -25.36
CA LEU B 255 13.76 1.89 -24.71
C LEU B 255 15.17 2.17 -25.18
N LYS B 256 16.15 1.56 -24.49
CA LYS B 256 17.49 1.39 -25.07
C LYS B 256 17.34 0.53 -26.32
N SER B 257 17.45 1.18 -27.47
CA SER B 257 17.29 0.57 -28.76
C SER B 257 15.94 -0.10 -28.96
N GLY B 258 14.89 0.69 -28.76
CA GLY B 258 13.53 0.27 -29.10
C GLY B 258 12.45 1.22 -28.61
N PHE B 259 11.22 0.79 -28.72
CA PHE B 259 10.12 1.57 -28.20
C PHE B 259 8.87 0.78 -27.95
N LEU B 260 8.01 1.39 -27.15
CA LEU B 260 6.69 0.91 -27.00
C LEU B 260 5.81 2.07 -27.44
N GLN B 261 4.95 1.82 -28.38
CA GLN B 261 4.06 2.86 -28.89
C GLN B 261 2.60 2.52 -28.69
N PHE B 262 1.80 3.53 -28.48
CA PHE B 262 0.38 3.39 -28.39
C PHE B 262 -0.26 4.32 -29.45
N PHE B 263 -1.03 3.74 -30.35
CA PHE B 263 -1.74 4.54 -31.34
C PHE B 263 -3.18 4.56 -30.85
N LEU B 264 -3.66 5.77 -30.59
CA LEU B 264 -5.02 5.91 -30.13
C LEU B 264 -5.86 6.75 -31.04
N ALA B 265 -7.02 6.19 -31.36
CA ALA B 265 -8.07 6.87 -32.14
C ALA B 265 -8.74 7.96 -31.36
N PRO B 266 -8.90 9.14 -31.96
CA PRO B 266 -9.64 10.18 -31.21
C PRO B 266 -11.12 9.94 -31.26
N LYS B 267 -11.82 10.64 -30.38
CA LYS B 267 -13.25 10.59 -30.20
C LYS B 267 -13.73 11.71 -31.10
N PHE B 268 -14.23 11.38 -32.28
CA PHE B 268 -14.66 12.41 -33.25
C PHE B 268 -16.05 12.88 -32.84
N ASN B 269 -16.28 14.19 -32.77
CA ASN B 269 -17.51 14.74 -32.12
C ASN B 269 -18.31 15.71 -33.01
N MET C 15 2.01 -17.05 40.26
CA MET C 15 2.23 -15.90 39.40
C MET C 15 3.24 -16.27 38.32
N LEU C 16 3.10 -15.50 37.25
CA LEU C 16 3.99 -15.44 36.12
C LEU C 16 4.33 -13.96 35.90
N GLU C 17 5.62 -13.64 35.84
CA GLU C 17 6.08 -12.34 35.35
C GLU C 17 7.20 -12.58 34.35
N ALA C 18 6.90 -12.29 33.08
CA ALA C 18 7.85 -12.46 31.98
C ALA C 18 7.94 -11.15 31.24
N LYS C 19 9.12 -10.54 31.26
CA LYS C 19 9.35 -9.27 30.62
C LYS C 19 10.23 -9.44 29.38
N PHE C 20 9.70 -9.14 28.20
CA PHE C 20 10.54 -9.05 27.00
C PHE C 20 11.23 -7.70 26.98
N GLU C 21 12.51 -7.67 26.64
CA GLU C 21 13.24 -6.38 26.51
C GLU C 21 12.56 -5.45 25.49
N GLU C 22 12.23 -6.00 24.31
CA GLU C 22 11.46 -5.28 23.28
C GLU C 22 10.13 -5.96 23.02
N ALA C 23 9.04 -5.22 23.17
CA ALA C 23 7.65 -5.66 22.86
C ALA C 23 7.44 -6.18 21.45
N SER C 24 8.14 -5.57 20.51
CA SER C 24 8.14 -6.00 19.13
C SER C 24 8.41 -7.51 18.98
N LEU C 25 9.26 -8.08 19.84
CA LEU C 25 9.63 -9.49 19.64
C LEU C 25 8.43 -10.39 19.81
N PHE C 26 7.60 -10.09 20.77
CA PHE C 26 6.44 -10.94 21.00
C PHE C 26 5.48 -10.83 19.84
N LYS C 27 5.30 -9.63 19.30
CA LYS C 27 4.43 -9.45 18.12
C LYS C 27 4.94 -10.25 16.91
N ARG C 28 6.25 -10.20 16.65
CA ARG C 28 6.83 -10.97 15.55
C ARG C 28 6.68 -12.46 15.75
N ILE C 29 6.88 -12.89 16.97
CA ILE C 29 6.65 -14.28 17.29
C ILE C 29 5.26 -14.67 16.91
N ILE C 30 4.25 -13.94 17.40
CA ILE C 30 2.84 -14.32 17.19
C ILE C 30 2.50 -14.23 15.71
N ASP C 31 3.08 -13.24 15.04
CA ASP C 31 2.83 -13.05 13.62
C ASP C 31 3.26 -14.27 12.76
N GLY C 32 4.27 -15.03 13.16
CA GLY C 32 4.64 -16.26 12.42
C GLY C 32 3.60 -17.40 12.50
N PHE C 33 2.99 -17.55 13.65
CA PHE C 33 1.86 -18.46 13.84
C PHE C 33 0.48 -17.93 13.35
N LYS C 34 0.26 -16.63 13.39
CA LYS C 34 -1.09 -16.01 13.58
C LYS C 34 -2.10 -16.50 12.55
N ASP C 35 -1.66 -16.59 11.29
CA ASP C 35 -2.46 -17.14 10.19
C ASP C 35 -2.16 -18.63 10.26
N CYS C 36 -2.86 -19.48 9.56
CA CYS C 36 -2.57 -20.95 9.78
C CYS C 36 -2.92 -21.61 11.16
N VAL C 37 -3.22 -20.85 12.21
CA VAL C 37 -3.72 -21.44 13.45
C VAL C 37 -4.17 -20.36 14.44
N GLN C 38 -5.43 -20.41 14.86
CA GLN C 38 -6.03 -19.29 15.57
C GLN C 38 -6.06 -19.47 17.10
N LEU C 39 -6.32 -20.68 17.60
CA LEU C 39 -6.51 -20.92 19.05
C LEU C 39 -5.35 -21.72 19.55
N VAL C 40 -4.62 -21.23 20.53
CA VAL C 40 -3.39 -21.94 20.94
C VAL C 40 -3.15 -21.82 22.45
N ASN C 41 -2.66 -22.90 23.06
CA ASN C 41 -2.33 -22.93 24.48
C ASN C 41 -0.87 -22.62 24.70
N PHE C 42 -0.61 -21.57 25.46
CA PHE C 42 0.76 -21.24 25.86
C PHE C 42 0.99 -21.79 27.25
N GLN C 43 2.04 -22.59 27.37
CA GLN C 43 2.28 -23.36 28.56
C GLN C 43 3.54 -22.77 29.16
N CYS C 44 3.40 -22.02 30.25
CA CYS C 44 4.54 -21.47 30.97
C CYS C 44 4.97 -22.37 32.09
N LYS C 45 6.27 -22.42 32.31
CA LYS C 45 6.86 -23.17 33.40
C LYS C 45 8.24 -22.61 33.75
N GLU C 46 8.89 -23.24 34.72
CA GLU C 46 10.18 -22.79 35.26
C GLU C 46 11.18 -22.33 34.21
N ASP C 47 11.24 -23.06 33.09
CA ASP C 47 12.32 -22.97 32.09
C ASP C 47 11.99 -22.18 30.80
N GLY C 48 10.85 -21.47 30.81
CA GLY C 48 10.40 -20.68 29.65
C GLY C 48 8.98 -21.01 29.27
N ILE C 49 8.55 -20.52 28.10
CA ILE C 49 7.19 -20.81 27.61
C ILE C 49 7.27 -21.62 26.33
N ILE C 50 6.40 -22.61 26.22
CA ILE C 50 6.31 -23.41 25.01
C ILE C 50 4.88 -23.36 24.54
N ALA C 51 4.65 -23.54 23.25
CA ALA C 51 3.29 -23.50 22.71
C ALA C 51 3.15 -24.40 21.50
N GLN C 52 2.01 -25.06 21.36
CA GLN C 52 1.75 -25.97 20.26
C GLN C 52 0.34 -25.89 19.77
N ALA C 53 0.18 -26.17 18.48
CA ALA C 53 -1.10 -26.08 17.83
C ALA C 53 -1.07 -26.82 16.54
N VAL C 54 -2.19 -27.43 16.21
CA VAL C 54 -2.36 -28.05 14.92
C VAL C 54 -3.48 -27.31 14.22
N ASP C 55 -3.35 -27.12 12.92
CA ASP C 55 -4.38 -26.37 12.20
C ASP C 55 -5.62 -27.22 12.01
N ASP C 56 -6.68 -26.60 11.49
CA ASP C 56 -7.97 -27.26 11.36
C ASP C 56 -7.94 -28.48 10.40
N SER C 57 -7.15 -28.44 9.35
CA SER C 57 -7.05 -29.57 8.43
C SER C 57 -6.10 -30.68 8.90
N ARG C 58 -5.45 -30.48 10.03
CA ARG C 58 -4.55 -31.45 10.60
C ARG C 58 -3.37 -31.91 9.70
N VAL C 59 -2.82 -31.00 8.87
CA VAL C 59 -1.55 -31.28 8.18
C VAL C 59 -0.32 -30.50 8.62
N LEU C 60 -0.49 -29.62 9.61
CA LEU C 60 0.55 -28.67 10.04
C LEU C 60 0.53 -28.48 11.54
N LEU C 61 1.66 -28.70 12.18
CA LEU C 61 1.78 -28.51 13.61
C LEU C 61 2.78 -27.39 13.77
N VAL C 62 2.45 -26.47 14.65
CA VAL C 62 3.31 -25.36 14.94
C VAL C 62 3.79 -25.56 16.36
N SER C 63 5.11 -25.52 16.58
CA SER C 63 5.66 -25.62 17.92
C SER C 63 6.55 -24.40 18.21
N LEU C 64 6.29 -23.74 19.33
CA LEU C 64 7.06 -22.60 19.78
C LEU C 64 7.79 -22.91 21.11
N GLU C 65 9.00 -22.38 21.23
CA GLU C 65 9.79 -22.51 22.43
C GLU C 65 10.53 -21.21 22.61
N ILE C 66 10.17 -20.49 23.66
CA ILE C 66 10.94 -19.33 24.09
C ILE C 66 11.61 -19.72 25.40
N GLY C 67 12.95 -19.74 25.40
CA GLY C 67 13.70 -20.05 26.60
C GLY C 67 13.72 -18.89 27.56
N VAL C 68 14.19 -19.14 28.79
CA VAL C 68 14.31 -18.08 29.78
C VAL C 68 15.22 -16.96 29.29
N GLU C 69 16.31 -17.34 28.63
CA GLU C 69 17.31 -16.37 28.17
C GLU C 69 16.77 -15.32 27.14
N ALA C 70 15.64 -15.60 26.50
CA ALA C 70 14.98 -14.67 25.59
C ALA C 70 14.25 -13.51 26.26
N PHE C 71 13.93 -13.64 27.54
CA PHE C 71 13.32 -12.56 28.30
C PHE C 71 14.43 -11.79 29.00
N GLN C 72 14.18 -10.54 29.43
CA GLN C 72 15.14 -9.88 30.31
C GLN C 72 14.83 -10.16 31.77
N GLU C 73 13.56 -10.39 32.12
CA GLU C 73 13.21 -10.94 33.44
C GLU C 73 12.18 -12.05 33.27
N TYR C 74 12.29 -13.12 34.05
CA TYR C 74 11.35 -14.23 33.95
C TYR C 74 11.11 -14.91 35.28
N ARG C 75 9.87 -14.99 35.72
CA ARG C 75 9.55 -15.77 36.90
C ARG C 75 8.31 -16.64 36.66
N CYS C 76 8.40 -17.93 36.99
CA CYS C 76 7.25 -18.81 36.92
C CYS C 76 7.31 -19.83 38.06
N ASP C 77 6.61 -19.49 39.13
CA ASP C 77 6.61 -20.27 40.36
C ASP C 77 5.90 -21.63 40.22
N HIS C 78 5.00 -21.75 39.26
CA HIS C 78 4.12 -22.92 39.15
C HIS C 78 3.76 -23.10 37.68
N PRO C 79 3.83 -24.32 37.13
CA PRO C 79 3.29 -24.46 35.76
C PRO C 79 1.92 -23.81 35.52
N VAL C 80 1.79 -23.09 34.40
CA VAL C 80 0.57 -22.39 34.06
C VAL C 80 0.32 -22.49 32.58
N THR C 81 -0.87 -22.95 32.22
CA THR C 81 -1.33 -22.94 30.84
C THR C 81 -2.24 -21.73 30.64
N LEU C 82 -1.93 -20.91 29.66
CA LEU C 82 -2.85 -19.84 29.31
C LEU C 82 -3.15 -19.94 27.83
N GLY C 83 -4.43 -20.12 27.50
CA GLY C 83 -4.88 -20.27 26.14
C GLY C 83 -5.47 -18.96 25.64
N MET C 84 -5.11 -18.58 24.41
CA MET C 84 -5.59 -17.34 23.85
C MET C 84 -5.91 -17.51 22.40
N ASP C 85 -6.89 -16.73 21.97
CA ASP C 85 -7.18 -16.52 20.58
C ASP C 85 -6.12 -15.55 20.03
N LEU C 86 -5.41 -15.96 18.99
CA LEU C 86 -4.33 -15.14 18.47
C LEU C 86 -4.83 -13.93 17.70
N THR C 87 -6.07 -14.00 17.22
CA THR C 87 -6.68 -12.86 16.55
C THR C 87 -6.82 -11.73 17.56
N SER C 88 -7.40 -12.04 18.72
CA SER C 88 -7.51 -11.14 19.86
C SER C 88 -6.19 -10.62 20.32
N LEU C 89 -5.25 -11.54 20.49
CA LEU C 89 -3.94 -11.19 21.03
C LEU C 89 -3.14 -10.27 20.10
N SER C 90 -3.30 -10.43 18.79
CA SER C 90 -2.54 -9.58 17.90
C SER C 90 -3.22 -8.22 17.72
N LYS C 91 -4.52 -8.10 18.02
CA LYS C 91 -5.18 -6.77 18.16
C LYS C 91 -4.55 -5.93 19.30
N ILE C 92 -4.25 -6.58 20.40
CA ILE C 92 -3.56 -5.94 21.48
C ILE C 92 -2.06 -5.74 21.18
N LEU C 93 -1.48 -6.48 20.26
CA LEU C 93 -0.09 -6.29 19.91
C LEU C 93 0.03 -5.50 18.62
N ARG C 94 -0.81 -4.50 18.43
CA ARG C 94 -0.39 -3.30 17.72
C ARG C 94 -0.47 -2.10 18.70
N CYS C 95 -0.29 -2.34 20.02
CA CYS C 95 -0.55 -1.34 21.13
C CYS C 95 0.65 -0.92 21.99
N GLY C 96 1.84 -1.32 21.61
CA GLY C 96 3.06 -0.75 22.18
C GLY C 96 4.03 -0.43 21.06
N ASN C 97 4.93 0.51 21.33
CA ASN C 97 6.03 0.80 20.42
C ASN C 97 7.02 -0.36 20.41
N ASN C 98 7.78 -0.44 19.33
CA ASN C 98 8.82 -1.46 19.18
C ASN C 98 9.98 -1.28 20.21
N THR C 99 9.94 -0.14 20.93
CA THR C 99 10.85 0.25 22.01
C THR C 99 10.31 0.19 23.48
N ASP C 100 9.05 -0.19 23.68
CA ASP C 100 8.53 -0.42 25.04
C ASP C 100 8.93 -1.80 25.51
N THR C 101 8.84 -2.02 26.82
CA THR C 101 8.95 -3.37 27.37
C THR C 101 7.55 -3.96 27.50
N LEU C 102 7.43 -5.23 27.19
CA LEU C 102 6.20 -5.93 27.41
C LEU C 102 6.38 -6.94 28.51
N THR C 103 5.43 -6.96 29.43
CA THR C 103 5.46 -7.92 30.50
C THR C 103 4.16 -8.66 30.54
N LEU C 104 4.23 -9.99 30.52
CA LEU C 104 3.06 -10.84 30.74
C LEU C 104 2.91 -11.15 32.24
N ILE C 105 1.70 -10.99 32.77
CA ILE C 105 1.46 -11.20 34.17
C ILE C 105 0.24 -12.06 34.29
N ALA C 106 0.32 -13.15 35.04
CA ALA C 106 -0.85 -14.00 35.26
C ALA C 106 -0.82 -14.45 36.70
N ASP C 107 -1.97 -14.70 37.29
CA ASP C 107 -2.03 -15.30 38.64
C ASP C 107 -2.18 -16.82 38.52
N ASN C 108 -2.18 -17.51 39.64
CA ASN C 108 -2.55 -18.93 39.61
C ASN C 108 -4.04 -19.12 39.23
N THR C 109 -4.27 -20.17 38.44
CA THR C 109 -5.57 -20.52 37.79
C THR C 109 -6.30 -19.29 37.22
N PRO C 110 -5.73 -18.64 36.17
CA PRO C 110 -6.27 -17.34 35.77
C PRO C 110 -7.49 -17.39 34.79
N ASP C 111 -8.46 -16.56 35.14
CA ASP C 111 -9.42 -15.96 34.23
C ASP C 111 -8.75 -15.19 33.07
N SER C 112 -7.60 -14.53 33.32
CA SER C 112 -7.01 -13.59 32.37
C SER C 112 -5.52 -13.39 32.46
N ILE C 113 -4.97 -12.99 31.32
CA ILE C 113 -3.57 -12.63 31.17
C ILE C 113 -3.49 -11.09 31.13
N ILE C 114 -2.50 -10.52 31.81
CA ILE C 114 -2.24 -9.07 31.74
C ILE C 114 -1.02 -8.83 30.85
N LEU C 115 -1.12 -7.88 29.93
CA LEU C 115 0.01 -7.41 29.14
C LEU C 115 0.26 -5.97 29.49
N LEU C 116 1.44 -5.73 30.04
CA LEU C 116 1.83 -4.43 30.53
C LEU C 116 2.94 -3.88 29.65
N PHE C 117 2.63 -2.81 28.89
CA PHE C 117 3.62 -2.13 28.06
C PHE C 117 4.08 -0.90 28.81
N GLU C 118 5.38 -0.76 28.98
CA GLU C 118 5.91 0.34 29.73
C GLU C 118 7.02 0.98 28.88
N ASP C 119 7.09 2.31 28.92
CA ASP C 119 8.13 3.07 28.20
C ASP C 119 9.34 3.34 29.10
N THR C 120 10.50 3.42 28.44
CA THR C 120 11.80 3.66 29.10
C THR C 120 11.76 4.87 30.05
N LYS C 121 11.48 6.08 29.53
CA LYS C 121 11.10 7.21 30.39
C LYS C 121 9.78 6.87 31.16
N LYS C 122 9.89 6.77 32.51
CA LYS C 122 8.79 6.27 33.42
C LYS C 122 7.42 7.02 33.32
N ASP C 123 6.69 6.69 32.26
CA ASP C 123 5.62 7.52 31.74
C ASP C 123 5.01 6.62 30.67
N ARG C 124 3.77 6.86 30.26
CA ARG C 124 3.04 5.92 29.37
C ARG C 124 3.11 4.46 29.84
N ILE C 125 2.22 4.08 30.76
CA ILE C 125 1.87 2.69 30.98
C ILE C 125 0.63 2.37 30.19
N ALA C 126 0.67 1.29 29.43
CA ALA C 126 -0.53 0.72 28.83
C ALA C 126 -0.72 -0.66 29.44
N GLU C 127 -1.85 -0.87 30.12
CA GLU C 127 -2.18 -2.17 30.69
C GLU C 127 -3.36 -2.77 29.96
N TYR C 128 -3.17 -3.96 29.40
CA TYR C 128 -4.24 -4.70 28.75
C TYR C 128 -4.50 -5.98 29.55
N SER C 129 -5.78 -6.31 29.66
CA SER C 129 -6.20 -7.54 30.31
C SER C 129 -6.97 -8.31 29.25
N LEU C 130 -6.44 -9.44 28.84
CA LEU C 130 -7.06 -10.22 27.79
C LEU C 130 -7.72 -11.44 28.46
N LYS C 131 -9.01 -11.65 28.20
CA LYS C 131 -9.72 -12.83 28.73
C LYS C 131 -9.16 -14.08 28.06
N LEU C 132 -8.96 -15.14 28.83
CA LEU C 132 -8.39 -16.40 28.35
C LEU C 132 -9.45 -17.35 27.88
N MET C 133 -9.00 -18.45 27.27
CA MET C 133 -9.90 -19.39 26.62
C MET C 133 -9.59 -20.80 27.07
N ASP C 134 -10.59 -21.67 26.97
CA ASP C 134 -10.39 -23.06 27.32
C ASP C 134 -10.17 -23.88 26.06
N ILE C 135 -9.05 -24.60 26.03
CA ILE C 135 -8.58 -25.32 24.84
C ILE C 135 -8.04 -26.71 25.23
N ASP C 136 -8.08 -27.68 24.30
CA ASP C 136 -7.57 -29.06 24.53
C ASP C 136 -6.10 -29.34 24.29
N ALA C 137 -5.39 -29.53 25.42
CA ALA C 137 -3.91 -29.48 25.52
C ALA C 137 -3.29 -30.86 25.27
N ASP C 138 -3.25 -31.22 23.99
CA ASP C 138 -2.51 -32.35 23.49
C ASP C 138 -1.08 -31.83 23.23
N PHE C 139 -0.31 -31.47 24.27
CA PHE C 139 1.10 -31.11 24.03
C PHE C 139 1.86 -32.41 23.75
N LEU C 140 2.67 -32.39 22.69
CA LEU C 140 3.40 -33.55 22.20
C LEU C 140 4.88 -33.37 22.53
N LYS C 141 5.45 -34.33 23.27
CA LYS C 141 6.89 -34.45 23.39
C LYS C 141 7.32 -34.92 22.02
N ILE C 142 7.94 -34.03 21.24
CA ILE C 142 8.42 -34.40 19.92
C ILE C 142 9.88 -34.83 20.07
N GLU C 143 10.12 -36.13 19.89
CA GLU C 143 11.44 -36.75 20.00
C GLU C 143 12.16 -36.41 18.69
N GLU C 144 13.39 -35.88 18.80
CA GLU C 144 14.15 -35.45 17.61
C GLU C 144 14.21 -36.61 16.69
N LEU C 145 13.65 -36.45 15.49
CA LEU C 145 13.84 -37.45 14.46
C LEU C 145 15.22 -37.24 13.82
N GLN C 146 15.71 -38.29 13.17
CA GLN C 146 16.80 -38.14 12.23
C GLN C 146 16.18 -37.91 10.87
N TYR C 147 16.82 -37.05 10.09
CA TYR C 147 16.29 -36.65 8.82
C TYR C 147 17.28 -36.98 7.74
N ASP C 148 16.76 -37.31 6.56
CA ASP C 148 17.61 -37.66 5.44
C ASP C 148 18.44 -36.47 4.99
N SER C 149 17.87 -35.25 5.06
CA SER C 149 18.58 -34.03 4.68
C SER C 149 18.28 -32.87 5.57
N THR C 150 19.27 -32.01 5.68
CA THR C 150 19.13 -30.75 6.36
C THR C 150 19.72 -29.66 5.50
N LEU C 151 19.02 -28.53 5.43
CA LEU C 151 19.57 -27.37 4.80
C LEU C 151 19.20 -26.13 5.56
N SER C 152 20.01 -25.09 5.43
CA SER C 152 19.59 -23.80 5.89
C SER C 152 19.87 -22.82 4.81
N LEU C 153 18.99 -21.83 4.68
CA LEU C 153 19.13 -20.78 3.68
C LEU C 153 18.47 -19.53 4.20
N PRO C 154 18.71 -18.39 3.54
CA PRO C 154 18.05 -17.19 4.01
C PRO C 154 16.55 -17.31 3.94
N SER C 155 15.86 -16.82 4.96
CA SER C 155 14.41 -16.76 4.95
C SER C 155 13.84 -16.05 3.77
N SER C 156 14.50 -14.97 3.38
CA SER C 156 14.03 -14.16 2.29
C SER C 156 14.12 -14.92 0.99
N GLU C 157 15.07 -15.81 0.90
CA GLU C 157 15.30 -16.47 -0.37
C GLU C 157 14.30 -17.57 -0.52
N PHE C 158 14.12 -18.29 0.58
CA PHE C 158 13.12 -19.30 0.71
C PHE C 158 11.75 -18.73 0.49
N SER C 159 11.52 -17.56 1.06
CA SER C 159 10.26 -16.89 0.91
C SER C 159 9.93 -16.58 -0.53
N LYS C 160 10.93 -16.11 -1.26
CA LYS C 160 10.79 -15.71 -2.66
C LYS C 160 10.54 -16.90 -3.53
N ILE C 161 11.29 -17.96 -3.33
CA ILE C 161 11.04 -19.24 -4.01
C ILE C 161 9.61 -19.72 -3.86
N VAL C 162 9.13 -19.78 -2.62
CA VAL C 162 7.77 -20.25 -2.36
C VAL C 162 6.78 -19.34 -3.01
N ARG C 163 6.90 -18.03 -2.76
CA ARG C 163 5.96 -17.04 -3.32
C ARG C 163 5.96 -17.11 -4.84
N ASP C 164 7.11 -17.30 -5.47
CA ASP C 164 7.16 -17.37 -6.92
C ASP C 164 6.51 -18.62 -7.49
N LEU C 165 6.88 -19.75 -6.98
CA LEU C 165 6.34 -21.00 -7.52
C LEU C 165 4.89 -21.19 -7.21
N SER C 166 4.39 -20.60 -6.13
CA SER C 166 2.99 -20.72 -5.78
C SER C 166 2.10 -20.27 -6.85
N GLN C 167 2.57 -19.30 -7.62
CA GLN C 167 1.83 -18.77 -8.73
C GLN C 167 1.63 -19.70 -9.89
N LEU C 168 2.40 -20.76 -9.96
CA LEU C 168 2.24 -21.76 -11.00
C LEU C 168 1.42 -22.94 -10.55
N SER C 169 1.48 -23.35 -9.29
CA SER C 169 0.66 -24.48 -8.82
C SER C 169 0.38 -24.44 -7.33
N ASP C 170 -0.52 -25.32 -6.91
CA ASP C 170 -0.84 -25.54 -5.49
C ASP C 170 0.13 -26.51 -4.81
N SER C 171 1.11 -27.05 -5.54
CA SER C 171 2.06 -28.01 -5.00
C SER C 171 3.46 -27.64 -5.41
N ILE C 172 4.38 -27.77 -4.47
CA ILE C 172 5.76 -27.43 -4.70
C ILE C 172 6.56 -28.63 -4.24
N ASN C 173 7.48 -29.05 -5.10
CA ASN C 173 8.20 -30.25 -4.89
C ASN C 173 9.61 -29.88 -4.52
N ILE C 174 10.12 -30.41 -3.44
CA ILE C 174 11.49 -30.16 -2.98
C ILE C 174 12.30 -31.42 -3.17
N MET C 175 13.43 -31.30 -3.86
CA MET C 175 14.16 -32.46 -4.35
C MET C 175 15.58 -32.21 -4.02
N ILE C 176 16.15 -33.07 -3.17
CA ILE C 176 17.54 -32.92 -2.77
C ILE C 176 18.44 -34.04 -3.26
N THR C 177 19.54 -33.62 -3.89
CA THR C 177 20.56 -34.54 -4.33
C THR C 177 21.87 -33.97 -3.82
N LYS C 178 22.96 -34.61 -4.14
CA LYS C 178 24.24 -34.25 -3.57
C LYS C 178 24.66 -32.91 -4.14
N GLU C 179 24.92 -31.94 -3.27
CA GLU C 179 25.31 -30.59 -3.72
C GLU C 179 24.28 -29.86 -4.64
N THR C 180 22.99 -30.17 -4.46
CA THR C 180 21.88 -29.58 -5.25
C THR C 180 20.55 -29.63 -4.51
N ILE C 181 19.92 -28.48 -4.40
CA ILE C 181 18.57 -28.35 -3.90
C ILE C 181 17.71 -27.82 -5.04
N LYS C 182 16.58 -28.47 -5.30
CA LYS C 182 15.76 -28.12 -6.47
C LYS C 182 14.33 -27.98 -6.02
N PHE C 183 13.73 -26.81 -6.24
CA PHE C 183 12.32 -26.55 -5.92
C PHE C 183 11.56 -26.50 -7.23
N VAL C 184 10.46 -27.24 -7.36
CA VAL C 184 9.74 -27.32 -8.63
C VAL C 184 8.24 -27.21 -8.45
N ALA C 185 7.58 -26.47 -9.33
CA ALA C 185 6.13 -26.39 -9.37
C ALA C 185 5.70 -26.51 -10.80
N ASP C 186 4.55 -27.13 -10.98
CA ASP C 186 4.13 -27.48 -12.31
C ASP C 186 2.63 -27.31 -12.39
N GLY C 187 2.17 -26.52 -13.34
CA GLY C 187 0.77 -26.20 -13.39
C GLY C 187 0.28 -25.87 -14.77
N ASP C 188 -0.88 -25.23 -14.77
CA ASP C 188 -1.61 -25.02 -15.99
C ASP C 188 -0.94 -24.03 -16.87
N ILE C 189 -0.48 -22.89 -16.37
CA ILE C 189 0.19 -21.95 -17.30
C ILE C 189 1.56 -22.41 -17.82
N GLY C 190 2.20 -23.24 -17.03
CA GLY C 190 3.55 -23.72 -17.32
C GLY C 190 4.17 -24.29 -16.05
N SER C 191 5.50 -24.35 -16.01
CA SER C 191 6.20 -24.92 -14.88
C SER C 191 7.43 -24.10 -14.56
N GLY C 192 7.98 -24.35 -13.39
CA GLY C 192 9.14 -23.61 -12.99
C GLY C 192 9.96 -24.33 -12.00
N SER C 193 11.27 -24.10 -12.05
CA SER C 193 12.13 -24.68 -11.04
C SER C 193 13.22 -23.73 -10.61
N VAL C 194 13.50 -23.73 -9.31
CA VAL C 194 14.64 -23.02 -8.81
C VAL C 194 15.66 -24.03 -8.30
N ILE C 195 16.86 -24.01 -8.86
CA ILE C 195 17.96 -24.84 -8.43
C ILE C 195 18.96 -23.96 -7.69
N ILE C 196 19.24 -24.26 -6.43
CA ILE C 196 20.29 -23.52 -5.68
C ILE C 196 21.28 -24.54 -5.20
N LYS C 197 22.52 -24.10 -5.08
CA LYS C 197 23.63 -24.97 -4.75
C LYS C 197 24.24 -24.42 -3.48
N PRO C 198 24.76 -25.30 -2.59
CA PRO C 198 25.43 -24.86 -1.36
C PRO C 198 26.60 -23.98 -1.67
N PHE C 199 26.75 -22.90 -0.90
CA PHE C 199 27.86 -21.99 -1.11
C PHE C 199 28.01 -21.13 0.12
N VAL C 200 29.28 -20.83 0.44
CA VAL C 200 29.60 -20.03 1.61
C VAL C 200 30.31 -18.80 1.10
N ASP C 201 29.68 -17.65 1.29
CA ASP C 201 30.26 -16.36 0.90
C ASP C 201 30.76 -15.69 2.18
N MET C 202 32.05 -15.44 2.25
CA MET C 202 32.69 -14.96 3.48
C MET C 202 32.36 -13.50 3.79
N GLU C 203 32.23 -12.67 2.75
CA GLU C 203 31.73 -11.26 2.87
C GLU C 203 30.51 -11.16 3.82
N HIS C 204 29.42 -11.87 3.51
CA HIS C 204 28.31 -12.00 4.43
C HIS C 204 27.80 -13.43 4.49
N PRO C 205 28.15 -14.15 5.57
CA PRO C 205 27.80 -15.56 5.65
C PRO C 205 26.34 -15.80 6.06
N GLU C 206 25.59 -14.73 6.30
CA GLU C 206 24.14 -14.86 6.42
C GLU C 206 23.49 -15.29 5.09
N THR C 207 24.06 -14.87 3.95
CA THR C 207 23.55 -15.35 2.64
C THR C 207 23.91 -16.80 2.25
N SER C 208 24.67 -17.52 3.11
CA SER C 208 25.09 -18.87 2.80
C SER C 208 23.96 -19.84 2.71
N ILE C 209 24.20 -20.85 1.89
CA ILE C 209 23.31 -21.97 1.75
C ILE C 209 24.09 -23.20 2.13
N LYS C 210 23.62 -23.91 3.14
CA LYS C 210 24.31 -25.08 3.68
C LYS C 210 23.44 -26.30 3.51
N LEU C 211 24.06 -27.46 3.35
CA LEU C 211 23.34 -28.70 3.01
C LEU C 211 24.06 -29.92 3.59
N GLU C 212 23.34 -30.80 4.27
CA GLU C 212 23.87 -32.02 4.76
C GLU C 212 22.91 -33.08 4.20
N MET C 213 23.38 -33.94 3.33
CA MET C 213 22.54 -34.98 2.75
C MET C 213 23.06 -36.37 3.10
N ASP C 214 22.26 -37.17 3.79
CA ASP C 214 22.55 -38.60 3.95
C ASP C 214 21.92 -39.34 2.80
N GLN C 215 20.64 -39.11 2.54
CA GLN C 215 19.94 -39.76 1.44
C GLN C 215 19.28 -38.67 0.59
N PRO C 216 19.15 -38.92 -0.72
CA PRO C 216 18.28 -38.06 -1.51
C PRO C 216 16.85 -38.09 -1.02
N VAL C 217 16.18 -36.96 -1.17
CA VAL C 217 14.77 -36.86 -0.80
C VAL C 217 14.02 -36.15 -1.90
N ASP C 218 12.71 -36.41 -1.94
CA ASP C 218 11.85 -35.93 -2.99
C ASP C 218 10.45 -35.89 -2.36
N LEU C 219 10.06 -34.71 -1.90
CA LEU C 219 8.78 -34.50 -1.24
C LEU C 219 8.00 -33.42 -1.93
N THR C 220 6.68 -33.47 -1.80
CA THR C 220 5.82 -32.44 -2.36
C THR C 220 4.99 -31.89 -1.24
N PHE C 221 4.75 -30.58 -1.27
CA PHE C 221 4.01 -29.91 -0.21
C PHE C 221 2.96 -28.98 -0.79
N GLY C 222 1.89 -28.75 -0.07
CA GLY C 222 0.90 -27.76 -0.45
C GLY C 222 1.41 -26.33 -0.36
N ALA C 223 1.24 -25.56 -1.41
CA ALA C 223 1.72 -24.23 -1.42
C ALA C 223 1.00 -23.36 -0.37
N LYS C 224 -0.29 -23.61 -0.14
CA LYS C 224 -1.06 -22.93 0.93
C LYS C 224 -0.32 -22.94 2.26
N TYR C 225 0.27 -24.07 2.58
CA TYR C 225 0.91 -24.23 3.88
C TYR C 225 2.31 -23.64 3.87
N LEU C 226 3.06 -23.83 2.78
CA LEU C 226 4.33 -23.17 2.68
C LEU C 226 4.19 -21.62 2.75
N LEU C 227 3.09 -21.06 2.22
CA LEU C 227 2.89 -19.60 2.23
C LEU C 227 2.60 -19.00 3.60
N ASP C 228 2.17 -19.86 4.51
CA ASP C 228 2.03 -19.53 5.93
C ASP C 228 3.31 -19.78 6.73
N ILE C 229 4.05 -20.80 6.33
CA ILE C 229 5.30 -21.11 7.03
C ILE C 229 6.33 -20.00 6.80
N ILE C 230 6.37 -19.48 5.59
CA ILE C 230 7.34 -18.48 5.31
C ILE C 230 7.09 -17.22 6.09
N LYS C 231 5.98 -17.09 6.78
CA LYS C 231 5.82 -15.95 7.70
C LYS C 231 6.68 -15.95 8.95
N GLY C 232 7.37 -17.07 9.21
CA GLY C 232 8.42 -17.11 10.22
C GLY C 232 9.58 -16.20 9.95
N SER C 233 9.66 -15.68 8.74
CA SER C 233 10.70 -14.75 8.35
C SER C 233 10.74 -13.48 9.19
N SER C 234 9.65 -13.15 9.87
CA SER C 234 9.62 -12.07 10.82
C SER C 234 10.52 -12.32 12.03
N LEU C 235 10.88 -13.58 12.29
CA LEU C 235 11.72 -13.97 13.43
C LEU C 235 13.16 -14.15 13.15
N SER C 236 13.49 -14.64 11.96
CA SER C 236 14.86 -15.02 11.68
C SER C 236 15.27 -14.73 10.26
N ASP C 237 16.56 -14.40 10.12
CA ASP C 237 17.23 -14.10 8.85
C ASP C 237 17.33 -15.38 8.07
N ARG C 238 17.46 -16.48 8.80
CA ARG C 238 17.61 -17.80 8.22
C ARG C 238 16.49 -18.79 8.59
N VAL C 239 16.32 -19.81 7.75
CA VAL C 239 15.36 -20.90 8.00
C VAL C 239 16.06 -22.23 7.89
N GLY C 240 15.79 -23.15 8.81
CA GLY C 240 16.30 -24.49 8.73
C GLY C 240 15.20 -25.41 8.22
N ILE C 241 15.52 -26.21 7.22
CA ILE C 241 14.58 -27.17 6.64
C ILE C 241 15.15 -28.55 6.76
N ARG C 242 14.41 -29.43 7.42
CA ARG C 242 14.83 -30.82 7.62
C ARG C 242 13.79 -31.66 6.94
N LEU C 243 14.23 -32.47 5.99
CA LEU C 243 13.33 -33.33 5.24
C LEU C 243 13.69 -34.79 5.43
N SER C 244 12.68 -35.64 5.44
CA SER C 244 12.95 -37.05 5.15
C SER C 244 11.75 -37.62 4.41
N SER C 245 11.98 -38.75 3.76
CA SER C 245 10.98 -39.34 2.84
C SER C 245 9.91 -40.16 3.54
N GLU C 246 10.09 -40.39 4.83
CA GLU C 246 9.15 -41.14 5.63
C GLU C 246 8.17 -40.21 6.28
N ALA C 247 8.52 -38.92 6.39
CA ALA C 247 8.12 -38.13 7.54
C ALA C 247 7.80 -36.66 7.23
N PRO C 248 7.05 -36.04 8.16
CA PRO C 248 6.79 -34.65 7.97
C PRO C 248 8.08 -33.85 8.00
N ALA C 249 8.05 -32.78 7.23
CA ALA C 249 9.16 -31.88 7.13
C ALA C 249 9.12 -30.93 8.32
N LEU C 250 10.30 -30.48 8.73
CA LEU C 250 10.48 -29.48 9.79
C LEU C 250 11.02 -28.21 9.17
N PHE C 251 10.30 -27.11 9.33
CA PHE C 251 10.82 -25.79 8.96
C PHE C 251 10.98 -25.06 10.26
N GLN C 252 12.18 -24.55 10.52
CA GLN C 252 12.49 -23.98 11.81
C GLN C 252 13.15 -22.62 11.67
N PHE C 253 12.67 -21.68 12.48
CA PHE C 253 13.18 -20.30 12.51
C PHE C 253 13.69 -20.07 13.92
N ASP C 254 14.95 -19.72 14.07
CA ASP C 254 15.55 -19.65 15.39
C ASP C 254 15.35 -18.28 15.98
N LEU C 255 15.10 -18.23 17.29
CA LEU C 255 15.04 -16.99 18.08
C LEU C 255 16.35 -16.90 18.87
N LYS C 256 16.59 -15.73 19.47
CA LYS C 256 17.54 -15.61 20.57
C LYS C 256 17.01 -16.49 21.71
N SER C 257 17.66 -17.63 21.90
CA SER C 257 17.25 -18.62 22.87
C SER C 257 15.81 -19.11 22.69
N GLY C 258 15.53 -19.62 21.51
CA GLY C 258 14.28 -20.33 21.25
C GLY C 258 14.09 -20.68 19.79
N PHE C 259 12.90 -21.18 19.47
CA PHE C 259 12.57 -21.44 18.09
C PHE C 259 11.09 -21.51 17.82
N LEU C 260 10.78 -21.34 16.56
CA LEU C 260 9.44 -21.51 16.07
C LEU C 260 9.58 -22.57 15.01
N GLN C 261 8.86 -23.67 15.17
CA GLN C 261 8.95 -24.79 14.24
C GLN C 261 7.63 -25.08 13.58
N PHE C 262 7.71 -25.52 12.33
CA PHE C 262 6.55 -25.92 11.59
C PHE C 262 6.77 -27.32 11.07
N PHE C 263 5.90 -28.25 11.48
CA PHE C 263 6.00 -29.61 11.03
C PHE C 263 4.91 -29.77 10.01
N LEU C 264 5.31 -30.05 8.77
CA LEU C 264 4.36 -30.11 7.68
C LEU C 264 4.38 -31.47 7.02
N ALA C 265 3.17 -32.01 6.91
CA ALA C 265 2.92 -33.29 6.23
C ALA C 265 3.08 -33.14 4.72
N PRO C 266 3.77 -34.10 4.09
CA PRO C 266 3.83 -34.06 2.65
C PRO C 266 2.56 -34.57 2.02
N LYS C 267 2.46 -34.32 0.72
CA LYS C 267 1.30 -34.60 -0.07
C LYS C 267 1.45 -35.99 -0.64
N PHE C 268 0.42 -36.80 -0.45
CA PHE C 268 0.14 -38.01 -1.27
C PHE C 268 -1.32 -38.38 -1.09
N ASN D 1 -14.55 1.00 -39.54
CA ASN D 1 -13.19 1.52 -39.19
C ASN D 1 -12.77 1.08 -37.79
N GLY D 2 -11.67 0.33 -37.70
CA GLY D 2 -10.90 0.22 -36.45
C GLY D 2 -9.70 1.16 -36.40
N ILE D 3 -8.93 1.11 -35.32
CA ILE D 3 -7.62 1.79 -35.25
C ILE D 3 -6.66 1.33 -36.36
N ALA D 4 -6.67 0.03 -36.65
CA ALA D 4 -5.83 -0.48 -37.74
C ALA D 4 -6.25 0.14 -39.07
N ALA D 5 -7.56 0.17 -39.30
CA ALA D 5 -8.11 0.84 -40.45
C ALA D 5 -7.57 2.27 -40.58
N MET D 6 -7.63 3.02 -39.47
CA MET D 6 -7.17 4.42 -39.48
C MET D 6 -5.69 4.47 -39.74
N LEU D 7 -4.90 3.57 -39.15
CA LEU D 7 -3.45 3.58 -39.39
C LEU D 7 -3.14 3.32 -40.86
N GLN D 8 -3.81 2.31 -41.40
CA GLN D 8 -3.61 1.91 -42.79
C GLN D 8 -4.37 2.76 -43.81
N ARG D 9 -4.85 3.99 -43.54
CA ARG D 9 -5.80 4.61 -44.49
C ARG D 9 -5.16 5.27 -45.73
N HIS D 10 -3.82 5.40 -45.73
CA HIS D 10 -3.05 5.85 -46.91
C HIS D 10 -2.26 4.67 -47.57
N SER D 11 -1.62 3.82 -46.76
CA SER D 11 -0.85 2.65 -47.23
C SER D 11 -1.72 1.45 -47.73
N ARG D 12 -3.04 1.57 -47.58
CA ARG D 12 -4.03 0.70 -48.19
C ARG D 12 -4.10 0.80 -49.74
N LYS D 13 -3.82 2.01 -50.26
CA LYS D 13 -3.80 2.29 -51.70
C LYS D 13 -2.42 2.06 -52.34
N ARG D 14 -1.38 2.02 -51.51
CA ARG D 14 -0.05 1.53 -51.88
C ARG D 14 -0.02 -0.01 -51.95
N PHE D 15 0.61 -0.55 -52.98
CA PHE D 15 0.85 -1.99 -53.00
C PHE D 15 2.02 -2.35 -52.09
N GLN D 16 1.80 -3.32 -51.20
CA GLN D 16 2.87 -3.87 -50.30
C GLN D 16 3.84 -4.88 -51.05
N LEU D 17 5.04 -4.42 -51.45
CA LEU D 17 5.71 -4.86 -52.73
C LEU D 17 6.14 -6.34 -53.03
N GLY E 2 -30.27 17.63 19.00
CA GLY E 2 -29.34 16.78 19.80
C GLY E 2 -28.07 17.55 20.15
N ILE E 3 -27.05 17.41 19.31
CA ILE E 3 -25.78 18.13 19.50
C ILE E 3 -25.93 19.67 19.39
N ALA E 4 -26.72 20.10 18.41
CA ALA E 4 -27.04 21.52 18.24
C ALA E 4 -27.61 22.02 19.57
N ALA E 5 -28.68 21.36 20.00
CA ALA E 5 -29.35 21.61 21.29
C ALA E 5 -28.41 21.65 22.51
N MET E 6 -27.69 20.54 22.72
CA MET E 6 -26.78 20.41 23.87
C MET E 6 -25.74 21.53 23.94
N LEU E 7 -25.20 21.91 22.78
CA LEU E 7 -24.31 23.06 22.66
C LEU E 7 -24.98 24.39 22.99
N GLN E 8 -26.21 24.57 22.51
CA GLN E 8 -26.96 25.83 22.68
C GLN E 8 -27.09 26.27 24.15
N ARG E 9 -27.26 25.27 25.02
CA ARG E 9 -27.22 25.43 26.47
C ARG E 9 -25.80 25.81 26.93
N GLY F 2 -3.72 -38.10 11.81
CA GLY F 2 -3.31 -36.94 10.99
C GLY F 2 -1.85 -36.55 11.24
N ILE F 3 -1.59 -35.24 11.37
CA ILE F 3 -0.23 -34.73 11.61
C ILE F 3 0.34 -35.13 12.98
N ALA F 4 -0.49 -35.10 14.02
CA ALA F 4 -0.06 -35.60 15.34
C ALA F 4 0.37 -37.08 15.24
N ALA F 5 -0.46 -37.88 14.55
CA ALA F 5 -0.18 -39.29 14.27
C ALA F 5 1.21 -39.47 13.63
N MET F 6 1.42 -38.80 12.50
CA MET F 6 2.66 -38.92 11.71
C MET F 6 3.89 -38.59 12.54
N LEU F 7 3.81 -37.54 13.35
CA LEU F 7 4.91 -37.18 14.25
C LEU F 7 5.16 -38.24 15.31
N GLN F 8 4.09 -38.77 15.91
CA GLN F 8 4.22 -39.82 16.92
C GLN F 8 4.77 -41.16 16.43
N ARG F 9 4.51 -41.50 15.15
CA ARG F 9 4.94 -42.76 14.49
C ARG F 9 5.59 -43.81 15.40
#